data_8RF7
#
_entry.id   8RF7
#
_cell.length_a   136.222
_cell.length_b   136.222
_cell.length_c   78.226
_cell.angle_alpha   90
_cell.angle_beta   90
_cell.angle_gamma   90
#
_symmetry.space_group_name_H-M   'P 4 21 2'
#
loop_
_entity.id
_entity.type
_entity.pdbx_description
1 polymer 'Adenosine kinase'
2 non-polymer 'SULFATE ION'
3 non-polymer 'ACETATE ION'
4 non-polymer GLYCEROL
5 water water
#
_entity_poly.entity_id   1
_entity_poly.type   'polypeptide(L)'
_entity_poly.pdbx_seq_one_letter_code
;MGSSHHHHHHSQDPNSSSMAASEGVLLGMGNPLLDISAVVDDAFLTKYDIKLNNAILAEEKHLPMYDELASKSNVEYIAG
GATQNSIRVAQWMLQTPGATSYMGCIGKDKFGEEMKKNAQAAGVTAHYYEDETAPTGTCAVCVVGGERSLIANLSAANCY
KSEHLKRPENWALVEKAKYIYIAGFFLTVSPDSIQLVAEHAAANNKVFLMNLSAPFICEFFRDAQEKVLPYADYIFGNET
EAKIFAKVRGWETENIEEIALKISQLPLASGKQKRIAVITQGADPVVVAEDGKVKTFPVILLPKEKLVDTNGAGDAFVGG
FLSQLVLGKGIEDCVRAGCYAANVIIQRPGCTYPEKPDFN
;
_entity_poly.pdbx_strand_id   A,B
#
loop_
_chem_comp.id
_chem_comp.type
_chem_comp.name
_chem_comp.formula
ACT non-polymer 'ACETATE ION' 'C2 H3 O2 -1'
GOL non-polymer GLYCEROL 'C3 H8 O3'
SO4 non-polymer 'SULFATE ION' 'O4 S -2'
#
# COMPACT_ATOMS: atom_id res chain seq x y z
N ALA A 21 -24.43 17.00 20.71
CA ALA A 21 -23.12 16.37 20.56
C ALA A 21 -22.09 17.15 21.39
N SER A 22 -21.33 16.47 22.27
CA SER A 22 -20.32 17.11 23.13
C SER A 22 -19.04 17.50 22.35
N GLU A 23 -18.16 18.32 22.97
CA GLU A 23 -16.93 18.76 22.34
C GLU A 23 -16.03 17.58 22.01
N GLY A 24 -15.56 17.53 20.76
CA GLY A 24 -14.69 16.48 20.25
C GLY A 24 -15.24 15.08 20.44
N VAL A 25 -16.59 14.94 20.44
CA VAL A 25 -17.24 13.64 20.61
C VAL A 25 -16.83 12.65 19.52
N LEU A 26 -16.54 13.14 18.30
CA LEU A 26 -16.12 12.28 17.21
C LEU A 26 -14.73 12.71 16.74
N LEU A 27 -13.81 11.75 16.66
CA LEU A 27 -12.46 11.97 16.17
C LEU A 27 -12.20 11.06 14.97
N GLY A 28 -11.47 11.59 13.99
CA GLY A 28 -10.99 10.83 12.85
C GLY A 28 -9.48 10.98 12.71
N MET A 29 -8.81 9.93 12.24
CA MET A 29 -7.38 9.98 11.96
C MET A 29 -7.17 9.38 10.59
N GLY A 30 -6.34 10.03 9.78
CA GLY A 30 -6.08 9.53 8.44
C GLY A 30 -4.97 10.19 7.67
N ASN A 31 -5.15 10.20 6.34
CA ASN A 31 -4.20 10.70 5.36
C ASN A 31 -4.85 11.91 4.71
N PRO A 32 -4.60 13.14 5.22
CA PRO A 32 -5.27 14.31 4.64
C PRO A 32 -4.63 14.77 3.33
N LEU A 33 -5.47 15.18 2.38
CA LEU A 33 -5.04 15.71 1.10
C LEU A 33 -5.79 16.98 0.84
N LEU A 34 -5.13 18.03 0.36
CA LEU A 34 -5.83 19.25 0.01
C LEU A 34 -6.41 19.00 -1.38
N ASP A 35 -7.74 18.91 -1.48
CA ASP A 35 -8.39 18.74 -2.77
C ASP A 35 -8.47 20.09 -3.45
N ILE A 36 -7.94 20.19 -4.67
CA ILE A 36 -7.95 21.40 -5.46
C ILE A 36 -8.93 21.14 -6.59
N SER A 37 -10.19 21.54 -6.37
CA SER A 37 -11.28 21.29 -7.30
C SER A 37 -11.54 22.49 -8.19
N ALA A 38 -11.69 22.24 -9.49
CA ALA A 38 -11.95 23.27 -10.49
C ALA A 38 -12.65 22.67 -11.68
N VAL A 39 -13.60 23.42 -12.26
CA VAL A 39 -14.27 22.99 -13.48
C VAL A 39 -13.28 23.29 -14.61
N VAL A 40 -12.89 22.26 -15.41
CA VAL A 40 -11.88 22.41 -16.48
C VAL A 40 -12.48 22.12 -17.88
N ASP A 41 -11.70 22.41 -18.96
CA ASP A 41 -12.09 22.17 -20.35
C ASP A 41 -11.20 21.10 -21.01
N ASP A 42 -11.52 20.73 -22.27
CA ASP A 42 -10.78 19.75 -23.09
C ASP A 42 -9.28 20.10 -23.20
N ALA A 43 -8.95 21.38 -23.39
CA ALA A 43 -7.56 21.82 -23.52
C ALA A 43 -6.73 21.47 -22.28
N PHE A 44 -7.32 21.65 -21.10
CA PHE A 44 -6.64 21.34 -19.84
C PHE A 44 -6.41 19.83 -19.70
N LEU A 45 -7.43 19.01 -20.01
CA LEU A 45 -7.35 17.54 -19.90
C LEU A 45 -6.31 16.99 -20.86
N THR A 46 -6.29 17.49 -22.11
CA THR A 46 -5.32 17.07 -23.11
C THR A 46 -3.90 17.48 -22.69
N LYS A 47 -3.72 18.72 -22.21
CA LYS A 47 -2.43 19.24 -21.77
C LYS A 47 -1.70 18.30 -20.80
N TYR A 48 -2.39 17.82 -19.76
CA TYR A 48 -1.79 16.93 -18.77
C TYR A 48 -2.14 15.44 -19.00
N ASP A 49 -2.62 15.08 -20.21
CA ASP A 49 -2.98 13.71 -20.60
C ASP A 49 -3.79 12.99 -19.52
N ILE A 50 -4.91 13.58 -19.11
CA ILE A 50 -5.75 13.00 -18.07
C ILE A 50 -7.15 12.72 -18.63
N LYS A 51 -7.65 11.50 -18.41
CA LYS A 51 -8.96 11.09 -18.88
C LYS A 51 -9.96 11.20 -17.73
N LEU A 52 -11.22 11.40 -18.06
CA LEU A 52 -12.29 11.50 -17.06
C LEU A 52 -12.71 10.12 -16.55
N ASN A 53 -13.30 10.10 -15.34
CA ASN A 53 -13.73 8.90 -14.63
C ASN A 53 -12.55 7.95 -14.32
N ASN A 54 -11.46 8.49 -13.81
CA ASN A 54 -10.31 7.69 -13.40
C ASN A 54 -9.40 8.48 -12.44
N ALA A 55 -8.87 7.78 -11.42
CA ALA A 55 -8.03 8.37 -10.39
C ALA A 55 -6.59 7.86 -10.57
N ILE A 56 -5.66 8.74 -10.90
CA ILE A 56 -4.25 8.39 -11.13
C ILE A 56 -3.31 9.04 -10.09
N LEU A 57 -2.09 8.49 -9.98
CA LEU A 57 -1.08 9.08 -9.11
C LEU A 57 -0.40 10.21 -9.85
N ALA A 58 0.00 11.25 -9.12
CA ALA A 58 0.67 12.38 -9.71
C ALA A 58 2.08 12.00 -10.08
N GLU A 59 2.45 12.32 -11.32
CA GLU A 59 3.78 12.08 -11.85
C GLU A 59 4.45 13.46 -12.06
N GLU A 60 5.76 13.50 -12.39
CA GLU A 60 6.50 14.76 -12.60
C GLU A 60 5.82 15.66 -13.64
N LYS A 61 5.10 15.07 -14.62
CA LYS A 61 4.39 15.83 -15.65
C LYS A 61 3.17 16.54 -15.06
N HIS A 62 2.52 15.93 -14.05
CA HIS A 62 1.32 16.48 -13.39
C HIS A 62 1.64 17.45 -12.25
N LEU A 63 2.89 17.48 -11.73
CA LEU A 63 3.22 18.38 -10.61
C LEU A 63 3.00 19.88 -10.96
N PRO A 64 3.39 20.40 -12.16
CA PRO A 64 3.10 21.82 -12.46
C PRO A 64 1.60 22.14 -12.60
N MET A 65 0.75 21.12 -12.81
CA MET A 65 -0.70 21.28 -12.93
C MET A 65 -1.30 21.86 -11.65
N TYR A 66 -0.77 21.49 -10.46
CA TYR A 66 -1.26 22.03 -9.21
C TYR A 66 -1.04 23.56 -9.18
N ASP A 67 0.03 24.07 -9.82
CA ASP A 67 0.29 25.52 -9.93
C ASP A 67 -0.73 26.18 -10.84
N GLU A 68 -1.07 25.55 -11.98
CA GLU A 68 -2.05 26.08 -12.93
C GLU A 68 -3.44 26.16 -12.29
N LEU A 69 -3.83 25.15 -11.52
CA LEU A 69 -5.13 25.17 -10.86
C LEU A 69 -5.09 26.25 -9.77
N ALA A 70 -4.00 26.33 -8.99
CA ALA A 70 -3.86 27.38 -7.97
C ALA A 70 -3.96 28.79 -8.57
N SER A 71 -3.43 28.98 -9.80
CA SER A 71 -3.46 30.25 -10.51
C SER A 71 -4.85 30.63 -11.03
N LYS A 72 -5.83 29.72 -11.00
CA LYS A 72 -7.20 30.06 -11.45
C LYS A 72 -7.97 30.71 -10.29
N SER A 73 -8.94 31.59 -10.61
CA SER A 73 -9.71 32.31 -9.61
C SER A 73 -10.87 31.47 -9.00
N ASN A 74 -11.60 30.70 -9.84
CA ASN A 74 -12.77 29.89 -9.43
C ASN A 74 -12.40 28.52 -8.79
N VAL A 75 -11.26 28.44 -8.13
CA VAL A 75 -10.79 27.20 -7.55
C VAL A 75 -11.31 27.05 -6.14
N GLU A 76 -11.69 25.81 -5.79
CA GLU A 76 -12.19 25.48 -4.47
C GLU A 76 -11.18 24.57 -3.80
N TYR A 77 -10.72 24.96 -2.61
CA TYR A 77 -9.74 24.21 -1.82
C TYR A 77 -10.49 23.52 -0.69
N ILE A 78 -10.36 22.19 -0.56
CA ILE A 78 -11.06 21.48 0.50
C ILE A 78 -10.10 20.57 1.29
N ALA A 79 -10.27 20.54 2.63
CA ALA A 79 -9.47 19.67 3.50
C ALA A 79 -10.04 18.27 3.29
N GLY A 80 -9.43 17.55 2.35
CA GLY A 80 -9.87 16.24 1.89
C GLY A 80 -9.16 15.05 2.49
N GLY A 81 -9.23 13.96 1.75
CA GLY A 81 -8.77 12.66 2.21
C GLY A 81 -10.02 11.96 2.70
N ALA A 82 -10.16 10.67 2.40
CA ALA A 82 -11.36 9.93 2.73
C ALA A 82 -11.90 10.12 4.17
N THR A 83 -11.08 9.94 5.21
CA THR A 83 -11.52 10.07 6.60
C THR A 83 -11.88 11.51 6.93
N GLN A 84 -11.05 12.48 6.52
CA GLN A 84 -11.33 13.88 6.79
C GLN A 84 -12.63 14.32 6.15
N ASN A 85 -12.90 13.87 4.90
CA ASN A 85 -14.17 14.12 4.22
C ASN A 85 -15.34 13.63 5.08
N SER A 86 -15.22 12.39 5.64
CA SER A 86 -16.25 11.81 6.52
C SER A 86 -16.45 12.66 7.77
N ILE A 87 -15.37 13.14 8.37
CA ILE A 87 -15.45 13.98 9.58
C ILE A 87 -16.12 15.33 9.27
N ARG A 88 -15.76 15.95 8.14
CA ARG A 88 -16.37 17.22 7.73
C ARG A 88 -17.86 17.04 7.45
N VAL A 89 -18.23 15.95 6.78
CA VAL A 89 -19.64 15.67 6.45
C VAL A 89 -20.42 15.42 7.75
N ALA A 90 -19.80 14.71 8.73
CA ALA A 90 -20.41 14.48 10.03
C ALA A 90 -20.63 15.81 10.76
N GLN A 91 -19.64 16.71 10.71
CA GLN A 91 -19.71 18.03 11.34
C GLN A 91 -20.82 18.87 10.71
N TRP A 92 -20.89 18.89 9.37
CA TRP A 92 -21.93 19.64 8.63
C TRP A 92 -23.31 19.09 8.99
N MET A 93 -23.42 17.77 9.07
CA MET A 93 -24.69 17.13 9.39
C MET A 93 -25.12 17.41 10.85
N LEU A 94 -24.16 17.45 11.79
CA LEU A 94 -24.45 17.73 13.20
C LEU A 94 -24.77 19.19 13.47
N GLN A 95 -24.08 20.13 12.81
CA GLN A 95 -24.27 21.57 13.00
C GLN A 95 -23.97 22.08 14.43
N THR A 96 -23.31 21.26 15.28
CA THR A 96 -23.00 21.67 16.64
C THR A 96 -21.52 22.11 16.67
N PRO A 97 -21.17 23.39 16.98
CA PRO A 97 -19.74 23.75 16.96
C PRO A 97 -18.89 22.96 17.94
N GLY A 98 -17.70 22.57 17.50
CA GLY A 98 -16.74 21.85 18.30
C GLY A 98 -16.97 20.35 18.48
N ALA A 99 -18.00 19.79 17.82
CA ALA A 99 -18.31 18.37 17.98
C ALA A 99 -17.28 17.42 17.36
N THR A 100 -16.49 17.86 16.38
CA THR A 100 -15.54 16.98 15.70
C THR A 100 -14.07 17.38 15.84
N SER A 101 -13.21 16.36 15.75
CA SER A 101 -11.77 16.47 15.79
C SER A 101 -11.16 15.63 14.65
N TYR A 102 -9.91 15.96 14.27
CA TYR A 102 -9.18 15.23 13.24
C TYR A 102 -7.68 15.36 13.44
N MET A 103 -6.92 14.28 13.23
CA MET A 103 -5.48 14.29 13.26
C MET A 103 -4.92 13.58 12.02
N GLY A 104 -3.86 14.14 11.46
CA GLY A 104 -3.22 13.62 10.27
C GLY A 104 -1.95 14.39 9.95
N CYS A 105 -1.18 13.96 8.95
CA CYS A 105 0.07 14.63 8.60
C CYS A 105 -0.02 15.55 7.38
N ILE A 106 0.55 16.76 7.50
CA ILE A 106 0.66 17.78 6.46
C ILE A 106 2.13 18.27 6.41
N GLY A 107 2.47 19.07 5.39
CA GLY A 107 3.78 19.68 5.26
C GLY A 107 3.78 21.14 5.68
N LYS A 108 4.97 21.74 5.72
CA LYS A 108 5.13 23.14 6.10
C LYS A 108 5.16 24.00 4.84
N ASP A 109 3.99 24.18 4.20
CA ASP A 109 3.88 24.93 2.96
C ASP A 109 2.52 25.65 2.84
N LYS A 110 2.28 26.40 1.73
CA LYS A 110 1.01 27.11 1.50
C LYS A 110 -0.19 26.16 1.48
N PHE A 111 -0.05 24.96 0.84
CA PHE A 111 -1.15 24.00 0.79
C PHE A 111 -1.53 23.45 2.16
N GLY A 112 -0.57 23.41 3.10
CA GLY A 112 -0.81 23.01 4.48
C GLY A 112 -1.60 24.08 5.21
N GLU A 113 -1.27 25.36 4.97
CA GLU A 113 -1.99 26.49 5.56
C GLU A 113 -3.41 26.54 4.99
N GLU A 114 -3.62 26.18 3.69
CA GLU A 114 -4.96 26.12 3.09
C GLU A 114 -5.78 25.00 3.72
N MET A 115 -5.14 23.86 4.01
CA MET A 115 -5.81 22.74 4.67
C MET A 115 -6.28 23.20 6.07
N LYS A 116 -5.40 23.93 6.82
CA LYS A 116 -5.77 24.44 8.14
C LYS A 116 -6.95 25.41 8.04
N LYS A 117 -6.91 26.32 7.05
CA LYS A 117 -7.98 27.27 6.81
C LYS A 117 -9.31 26.57 6.51
N ASN A 118 -9.32 25.59 5.58
CA ASN A 118 -10.55 24.93 5.21
C ASN A 118 -11.10 24.04 6.31
N ALA A 119 -10.24 23.37 7.10
CA ALA A 119 -10.71 22.55 8.22
C ALA A 119 -11.44 23.43 9.25
N GLN A 120 -10.91 24.64 9.50
CA GLN A 120 -11.50 25.59 10.42
C GLN A 120 -12.83 26.12 9.86
N ALA A 121 -12.90 26.37 8.54
CA ALA A 121 -14.12 26.82 7.87
C ALA A 121 -15.21 25.74 7.95
N ALA A 122 -14.81 24.46 7.81
CA ALA A 122 -15.73 23.33 7.93
C ALA A 122 -16.14 23.02 9.39
N GLY A 123 -15.58 23.72 10.37
CA GLY A 123 -15.89 23.53 11.77
C GLY A 123 -15.27 22.30 12.41
N VAL A 124 -14.15 21.80 11.88
CA VAL A 124 -13.46 20.61 12.40
C VAL A 124 -12.21 21.06 13.18
N THR A 125 -12.00 20.52 14.40
CA THR A 125 -10.83 20.85 15.22
C THR A 125 -9.70 19.93 14.76
N ALA A 126 -8.81 20.45 13.90
CA ALA A 126 -7.75 19.65 13.31
C ALA A 126 -6.39 19.92 13.94
N HIS A 127 -5.75 18.88 14.49
CA HIS A 127 -4.41 18.98 15.06
C HIS A 127 -3.54 18.17 14.12
N TYR A 128 -2.90 18.84 13.15
CA TYR A 128 -2.06 18.16 12.19
C TYR A 128 -0.61 18.05 12.65
N TYR A 129 0.03 16.95 12.27
CA TYR A 129 1.44 16.70 12.49
C TYR A 129 2.14 17.29 11.27
N GLU A 130 3.08 18.21 11.48
CA GLU A 130 3.78 18.86 10.36
C GLU A 130 5.12 18.19 10.11
N ASP A 131 5.23 17.46 9.00
CA ASP A 131 6.50 16.84 8.60
C ASP A 131 7.46 17.96 8.22
N GLU A 132 8.73 17.81 8.62
CA GLU A 132 9.73 18.85 8.38
C GLU A 132 10.14 19.01 6.90
N THR A 133 10.03 17.96 6.06
CA THR A 133 10.48 18.04 4.67
C THR A 133 9.43 17.70 3.59
N ALA A 134 8.47 16.81 3.87
CA ALA A 134 7.51 16.39 2.85
C ALA A 134 6.45 17.46 2.55
N PRO A 135 6.21 17.86 1.28
CA PRO A 135 5.09 18.81 1.02
C PRO A 135 3.74 18.20 1.36
N THR A 136 2.75 19.04 1.67
CA THR A 136 1.39 18.57 2.01
C THR A 136 0.80 17.75 0.85
N GLY A 137 0.09 16.68 1.18
CA GLY A 137 -0.56 15.86 0.18
C GLY A 137 -1.67 16.64 -0.50
N THR A 138 -1.78 16.49 -1.82
CA THR A 138 -2.77 17.22 -2.63
C THR A 138 -3.50 16.27 -3.58
N CYS A 139 -4.66 16.72 -4.09
CA CYS A 139 -5.42 15.96 -5.07
C CYS A 139 -6.14 16.91 -6.00
N ALA A 140 -5.76 16.92 -7.28
CA ALA A 140 -6.42 17.73 -8.27
C ALA A 140 -7.74 17.03 -8.60
N VAL A 141 -8.87 17.72 -8.42
CA VAL A 141 -10.19 17.19 -8.73
C VAL A 141 -10.69 18.00 -9.94
N CYS A 142 -10.52 17.46 -11.16
CA CYS A 142 -10.89 18.19 -12.38
C CYS A 142 -12.30 17.81 -12.83
N VAL A 143 -13.21 18.79 -12.81
CA VAL A 143 -14.64 18.57 -13.07
C VAL A 143 -15.11 19.01 -14.47
N VAL A 144 -15.88 18.14 -15.17
CA VAL A 144 -16.58 18.43 -16.42
C VAL A 144 -17.93 17.71 -16.28
N GLY A 145 -19.03 18.47 -16.27
CA GLY A 145 -20.37 17.91 -16.10
C GLY A 145 -20.47 17.22 -14.75
N GLY A 146 -20.94 15.98 -14.79
CA GLY A 146 -21.00 15.13 -13.60
C GLY A 146 -19.82 14.19 -13.49
N GLU A 147 -18.70 14.48 -14.20
CA GLU A 147 -17.50 13.63 -14.20
C GLU A 147 -16.31 14.31 -13.55
N ARG A 148 -15.43 13.50 -12.95
CA ARG A 148 -14.21 13.95 -12.25
C ARG A 148 -12.99 13.18 -12.75
N SER A 149 -11.80 13.75 -12.52
CA SER A 149 -10.53 13.12 -12.82
C SER A 149 -9.64 13.45 -11.62
N LEU A 150 -9.24 12.43 -10.80
CA LEU A 150 -8.44 12.69 -9.60
C LEU A 150 -6.98 12.40 -9.88
N ILE A 151 -6.08 13.32 -9.52
CA ILE A 151 -4.63 13.16 -9.66
C ILE A 151 -4.09 13.45 -8.26
N ALA A 152 -3.71 12.40 -7.53
CA ALA A 152 -3.25 12.55 -6.16
C ALA A 152 -1.75 12.42 -5.98
N ASN A 153 -1.20 13.26 -5.12
CA ASN A 153 0.19 13.21 -4.70
C ASN A 153 0.08 13.07 -3.19
N LEU A 154 0.24 11.84 -2.66
CA LEU A 154 0.01 11.58 -1.23
C LEU A 154 1.03 12.31 -0.35
N SER A 155 2.32 12.18 -0.68
CA SER A 155 3.42 12.87 -0.02
C SER A 155 3.34 12.89 1.57
N ALA A 156 3.12 14.04 2.27
CA ALA A 156 3.12 14.10 3.74
C ALA A 156 2.06 13.26 4.40
N ALA A 157 0.92 13.04 3.73
CA ALA A 157 -0.16 12.24 4.29
C ALA A 157 0.30 10.83 4.74
N ASN A 158 1.41 10.32 4.19
CA ASN A 158 1.99 9.00 4.54
C ASN A 158 3.07 9.06 5.64
N CYS A 159 3.35 10.23 6.21
CA CYS A 159 4.41 10.39 7.21
C CYS A 159 3.90 10.60 8.64
N TYR A 160 2.63 10.26 8.96
CA TYR A 160 2.15 10.44 10.34
C TYR A 160 2.90 9.52 11.30
N LYS A 161 3.24 10.03 12.49
CA LYS A 161 3.97 9.29 13.52
C LYS A 161 3.20 9.35 14.84
N SER A 162 3.17 8.24 15.57
CA SER A 162 2.48 8.14 16.86
C SER A 162 3.04 9.11 17.91
N GLU A 163 4.27 9.64 17.73
CA GLU A 163 4.80 10.64 18.65
C GLU A 163 3.89 11.89 18.70
N HIS A 164 3.26 12.25 17.57
CA HIS A 164 2.31 13.37 17.53
C HIS A 164 1.10 13.03 18.41
N LEU A 165 0.51 11.84 18.20
CA LEU A 165 -0.64 11.34 18.94
C LEU A 165 -0.41 11.33 20.46
N LYS A 166 0.78 10.86 20.89
CA LYS A 166 1.13 10.73 22.31
C LYS A 166 1.38 12.06 23.03
N ARG A 167 1.49 13.19 22.29
CA ARG A 167 1.67 14.49 22.93
C ARG A 167 0.39 14.84 23.72
N PRO A 168 0.46 15.42 24.93
CA PRO A 168 -0.78 15.68 25.69
C PRO A 168 -1.89 16.47 24.97
N GLU A 169 -1.51 17.47 24.16
CA GLU A 169 -2.45 18.32 23.41
C GLU A 169 -3.24 17.56 22.33
N ASN A 170 -2.67 16.45 21.83
CA ASN A 170 -3.28 15.62 20.80
C ASN A 170 -3.95 14.39 21.39
N TRP A 171 -3.36 13.81 22.45
CA TRP A 171 -4.00 12.69 23.16
C TRP A 171 -5.30 13.15 23.84
N ALA A 172 -5.41 14.44 24.21
CA ALA A 172 -6.64 15.02 24.77
C ALA A 172 -7.83 14.83 23.81
N LEU A 173 -7.58 14.83 22.49
CA LEU A 173 -8.64 14.62 21.50
C LEU A 173 -9.16 13.19 21.54
N VAL A 174 -8.30 12.20 21.88
CA VAL A 174 -8.68 10.80 22.03
C VAL A 174 -9.50 10.67 23.32
N GLU A 175 -9.00 11.27 24.42
CA GLU A 175 -9.68 11.28 25.71
C GLU A 175 -11.09 11.89 25.60
N LYS A 176 -11.25 12.99 24.86
CA LYS A 176 -12.54 13.66 24.65
C LYS A 176 -13.53 12.78 23.86
N ALA A 177 -13.03 12.06 22.85
CA ALA A 177 -13.89 11.34 21.93
C ALA A 177 -14.58 10.13 22.51
N LYS A 178 -15.85 9.95 22.11
CA LYS A 178 -16.67 8.77 22.39
C LYS A 178 -16.65 7.84 21.17
N TYR A 179 -16.51 8.40 19.93
CA TYR A 179 -16.44 7.66 18.68
C TYR A 179 -15.15 8.06 17.98
N ILE A 180 -14.33 7.07 17.60
CA ILE A 180 -13.06 7.31 16.91
C ILE A 180 -13.08 6.48 15.62
N TYR A 181 -13.00 7.14 14.48
CA TYR A 181 -13.03 6.50 13.17
C TYR A 181 -11.68 6.63 12.45
N ILE A 182 -11.11 5.48 12.04
CA ILE A 182 -9.82 5.46 11.33
C ILE A 182 -9.93 4.49 10.16
N ALA A 183 -9.58 4.93 8.96
CA ALA A 183 -9.61 4.07 7.79
C ALA A 183 -8.51 3.01 7.85
N GLY A 184 -8.77 1.87 7.24
CA GLY A 184 -7.81 0.78 7.17
C GLY A 184 -6.54 1.15 6.42
N PHE A 185 -6.62 2.11 5.48
CA PHE A 185 -5.45 2.61 4.74
C PHE A 185 -4.36 3.12 5.70
N PHE A 186 -4.78 3.71 6.82
CA PHE A 186 -3.87 4.23 7.83
C PHE A 186 -3.07 3.10 8.53
N LEU A 187 -3.40 1.80 8.33
CA LEU A 187 -2.65 0.66 8.88
C LEU A 187 -1.26 0.50 8.22
N THR A 188 -1.07 1.10 7.03
CA THR A 188 0.18 1.10 6.28
C THR A 188 1.05 2.32 6.68
N VAL A 189 0.42 3.42 7.16
CA VAL A 189 1.12 4.63 7.54
C VAL A 189 1.54 4.62 9.03
N SER A 190 0.57 4.43 9.95
CA SER A 190 0.84 4.47 11.39
C SER A 190 0.07 3.38 12.16
N PRO A 191 0.42 2.08 12.02
CA PRO A 191 -0.33 1.04 12.75
C PRO A 191 -0.22 1.16 14.28
N ASP A 192 0.83 1.78 14.80
CA ASP A 192 0.97 2.00 16.24
C ASP A 192 -0.07 2.98 16.77
N SER A 193 -0.42 4.00 15.99
CA SER A 193 -1.46 4.95 16.38
C SER A 193 -2.82 4.26 16.42
N ILE A 194 -3.13 3.41 15.41
CA ILE A 194 -4.44 2.74 15.35
C ILE A 194 -4.58 1.76 16.49
N GLN A 195 -3.55 0.95 16.76
CA GLN A 195 -3.58 -0.03 17.83
C GLN A 195 -3.69 0.66 19.18
N LEU A 196 -3.00 1.80 19.35
CA LEU A 196 -3.05 2.54 20.61
C LEU A 196 -4.47 3.07 20.87
N VAL A 197 -5.12 3.70 19.89
CA VAL A 197 -6.46 4.25 20.10
C VAL A 197 -7.51 3.14 20.14
N ALA A 198 -7.32 2.05 19.38
CA ALA A 198 -8.26 0.93 19.41
C ALA A 198 -8.23 0.24 20.77
N GLU A 199 -7.03 0.03 21.33
CA GLU A 199 -6.90 -0.59 22.65
C GLU A 199 -7.42 0.36 23.72
N HIS A 200 -7.16 1.67 23.59
CA HIS A 200 -7.67 2.65 24.54
C HIS A 200 -9.21 2.66 24.53
N ALA A 201 -9.83 2.63 23.35
CA ALA A 201 -11.28 2.62 23.25
C ALA A 201 -11.93 1.41 23.92
N ALA A 202 -11.32 0.21 23.80
CA ALA A 202 -11.85 -1.00 24.42
C ALA A 202 -11.74 -0.93 25.96
N ALA A 203 -10.66 -0.34 26.47
CA ALA A 203 -10.46 -0.21 27.90
C ALA A 203 -11.27 0.93 28.53
N ASN A 204 -11.74 1.91 27.73
CA ASN A 204 -12.48 3.08 28.24
C ASN A 204 -13.88 3.27 27.68
N ASN A 205 -14.59 2.19 27.35
CA ASN A 205 -15.97 2.22 26.87
C ASN A 205 -16.21 3.24 25.73
N LYS A 206 -15.29 3.30 24.76
CA LYS A 206 -15.47 4.16 23.59
C LYS A 206 -15.74 3.26 22.37
N VAL A 207 -16.34 3.85 21.32
CA VAL A 207 -16.66 3.14 20.10
C VAL A 207 -15.54 3.38 19.08
N PHE A 208 -14.94 2.28 18.59
CA PHE A 208 -13.89 2.34 17.59
C PHE A 208 -14.49 1.86 16.28
N LEU A 209 -14.29 2.64 15.21
CA LEU A 209 -14.84 2.33 13.89
C LEU A 209 -13.73 2.37 12.87
N MET A 210 -13.81 1.48 11.89
CA MET A 210 -12.82 1.40 10.83
C MET A 210 -13.46 0.99 9.52
N ASN A 211 -12.71 1.04 8.41
CA ASN A 211 -13.21 0.61 7.11
C ASN A 211 -12.26 -0.38 6.45
N LEU A 212 -12.73 -1.08 5.41
CA LEU A 212 -11.93 -2.08 4.72
C LEU A 212 -11.06 -1.50 3.59
N SER A 213 -10.76 -0.21 3.64
CA SER A 213 -9.92 0.40 2.62
C SER A 213 -8.47 -0.06 2.82
N ALA A 214 -7.73 -0.18 1.73
CA ALA A 214 -6.33 -0.63 1.76
C ALA A 214 -5.64 -0.23 0.47
N PRO A 215 -4.42 0.31 0.48
CA PRO A 215 -3.76 0.63 -0.79
C PRO A 215 -3.35 -0.65 -1.55
N PHE A 216 -3.00 -1.71 -0.79
CA PHE A 216 -2.54 -3.00 -1.29
C PHE A 216 -2.70 -4.09 -0.21
N ILE A 217 -2.52 -5.37 -0.58
CA ILE A 217 -2.63 -6.47 0.38
C ILE A 217 -1.26 -7.21 0.49
N CYS A 218 -0.51 -6.90 1.55
N CYS A 218 -0.52 -6.94 1.55
CA CYS A 218 0.82 -7.45 1.86
CA CYS A 218 0.79 -7.55 1.81
C CYS A 218 0.79 -8.13 3.23
C CYS A 218 0.78 -8.15 3.22
N GLU A 219 1.80 -8.97 3.55
CA GLU A 219 1.87 -9.62 4.87
C GLU A 219 1.87 -8.60 6.02
N PHE A 220 2.59 -7.47 5.87
CA PHE A 220 2.63 -6.43 6.90
C PHE A 220 1.21 -5.89 7.17
N PHE A 221 0.44 -5.56 6.11
CA PHE A 221 -0.93 -5.06 6.24
C PHE A 221 -1.84 -6.13 6.82
N ARG A 222 -1.80 -7.37 6.29
CA ARG A 222 -2.65 -8.49 6.74
C ARG A 222 -2.53 -8.67 8.26
N ASP A 223 -1.29 -8.72 8.76
CA ASP A 223 -1.07 -8.93 10.18
C ASP A 223 -1.54 -7.78 11.02
N ALA A 224 -1.28 -6.53 10.58
CA ALA A 224 -1.74 -5.34 11.29
C ALA A 224 -3.27 -5.26 11.29
N GLN A 225 -3.94 -5.61 10.18
CA GLN A 225 -5.39 -5.61 10.14
C GLN A 225 -5.95 -6.68 11.08
N GLU A 226 -5.36 -7.88 11.08
CA GLU A 226 -5.82 -8.95 11.96
C GLU A 226 -5.76 -8.56 13.44
N LYS A 227 -4.76 -7.75 13.82
CA LYS A 227 -4.59 -7.30 15.20
C LYS A 227 -5.60 -6.24 15.61
N VAL A 228 -6.09 -5.39 14.68
CA VAL A 228 -7.08 -4.36 15.02
C VAL A 228 -8.53 -4.82 14.91
N LEU A 229 -8.85 -5.78 14.01
CA LEU A 229 -10.26 -6.19 13.81
C LEU A 229 -10.99 -6.55 15.12
N PRO A 230 -10.39 -7.29 16.08
CA PRO A 230 -11.12 -7.58 17.33
C PRO A 230 -11.58 -6.34 18.10
N TYR A 231 -10.96 -5.18 17.87
CA TYR A 231 -11.28 -3.93 18.54
C TYR A 231 -12.30 -3.07 17.79
N ALA A 232 -12.71 -3.47 16.57
CA ALA A 232 -13.66 -2.67 15.79
C ALA A 232 -15.10 -2.96 16.17
N ASP A 233 -15.80 -1.95 16.73
CA ASP A 233 -17.23 -2.03 17.03
C ASP A 233 -18.06 -1.96 15.73
N TYR A 234 -17.57 -1.19 14.75
CA TYR A 234 -18.19 -1.01 13.44
C TYR A 234 -17.13 -1.16 12.37
N ILE A 235 -17.48 -1.84 11.27
CA ILE A 235 -16.61 -1.95 10.11
C ILE A 235 -17.44 -1.53 8.90
N PHE A 236 -16.99 -0.49 8.18
CA PHE A 236 -17.65 -0.02 6.96
C PHE A 236 -16.87 -0.55 5.75
N GLY A 237 -17.56 -0.77 4.65
CA GLY A 237 -16.93 -1.24 3.43
C GLY A 237 -17.84 -1.15 2.24
N ASN A 238 -17.25 -1.24 1.05
CA ASN A 238 -17.99 -1.29 -0.20
C ASN A 238 -17.95 -2.76 -0.69
N GLU A 239 -18.81 -3.11 -1.63
CA GLU A 239 -18.91 -4.48 -2.13
C GLU A 239 -17.57 -5.05 -2.63
N THR A 240 -16.78 -4.27 -3.35
CA THR A 240 -15.48 -4.74 -3.85
C THR A 240 -14.51 -5.02 -2.69
N GLU A 241 -14.46 -4.13 -1.70
CA GLU A 241 -13.59 -4.32 -0.54
C GLU A 241 -14.01 -5.55 0.25
N ALA A 242 -15.31 -5.71 0.52
CA ALA A 242 -15.84 -6.86 1.25
C ALA A 242 -15.50 -8.17 0.55
N LYS A 243 -15.60 -8.20 -0.80
CA LYS A 243 -15.31 -9.41 -1.55
C LYS A 243 -13.81 -9.72 -1.58
N ILE A 244 -12.94 -8.68 -1.58
CA ILE A 244 -11.48 -8.90 -1.51
C ILE A 244 -11.18 -9.46 -0.12
N PHE A 245 -11.71 -8.81 0.94
CA PHE A 245 -11.54 -9.22 2.34
C PHE A 245 -11.92 -10.70 2.53
N ALA A 246 -13.08 -11.11 2.01
CA ALA A 246 -13.53 -12.48 2.12
C ALA A 246 -12.60 -13.47 1.39
N LYS A 247 -12.17 -13.12 0.17
CA LYS A 247 -11.30 -13.99 -0.63
C LYS A 247 -9.90 -14.13 -0.02
N VAL A 248 -9.33 -13.02 0.49
CA VAL A 248 -8.00 -13.01 1.11
C VAL A 248 -7.94 -14.02 2.29
N ARG A 249 -8.96 -14.00 3.15
CA ARG A 249 -8.99 -14.89 4.32
C ARG A 249 -9.64 -16.27 4.10
N GLY A 250 -9.84 -16.65 2.85
CA GLY A 250 -10.32 -17.98 2.51
C GLY A 250 -11.81 -18.26 2.58
N TRP A 251 -12.67 -17.24 2.81
CA TRP A 251 -14.12 -17.47 2.81
C TRP A 251 -14.56 -17.68 1.35
N GLU A 252 -15.18 -18.82 1.04
CA GLU A 252 -15.58 -19.14 -0.34
C GLU A 252 -16.83 -18.41 -0.83
N THR A 253 -17.62 -17.81 0.08
CA THR A 253 -18.82 -17.08 -0.34
C THR A 253 -18.48 -15.78 -1.06
N GLU A 254 -19.28 -15.47 -2.09
CA GLU A 254 -19.22 -14.21 -2.83
C GLU A 254 -20.51 -13.36 -2.60
N ASN A 255 -21.48 -13.87 -1.80
CA ASN A 255 -22.71 -13.16 -1.44
C ASN A 255 -22.36 -12.08 -0.41
N ILE A 256 -22.63 -10.81 -0.73
CA ILE A 256 -22.28 -9.67 0.14
C ILE A 256 -23.05 -9.72 1.48
N GLU A 257 -24.30 -10.23 1.48
CA GLU A 257 -25.06 -10.33 2.73
C GLU A 257 -24.41 -11.32 3.71
N GLU A 258 -23.91 -12.45 3.20
CA GLU A 258 -23.23 -13.43 4.04
C GLU A 258 -21.85 -12.93 4.45
N ILE A 259 -21.15 -12.21 3.56
CA ILE A 259 -19.83 -11.65 3.89
C ILE A 259 -19.99 -10.62 5.02
N ALA A 260 -21.02 -9.76 4.96
CA ALA A 260 -21.26 -8.79 6.02
C ALA A 260 -21.50 -9.48 7.36
N LEU A 261 -22.26 -10.58 7.37
CA LEU A 261 -22.50 -11.33 8.58
C LEU A 261 -21.20 -11.93 9.13
N LYS A 262 -20.38 -12.53 8.26
CA LYS A 262 -19.10 -13.10 8.69
C LYS A 262 -18.14 -12.03 9.23
N ILE A 263 -18.19 -10.80 8.70
CA ILE A 263 -17.34 -9.71 9.21
C ILE A 263 -17.82 -9.37 10.63
N SER A 264 -19.14 -9.17 10.81
CA SER A 264 -19.70 -8.85 12.13
C SER A 264 -19.35 -9.91 13.20
N GLN A 265 -19.11 -11.16 12.79
CA GLN A 265 -18.81 -12.26 13.69
C GLN A 265 -17.34 -12.63 13.78
N LEU A 266 -16.43 -11.73 13.36
CA LEU A 266 -15.00 -11.99 13.53
C LEU A 266 -14.68 -11.98 15.05
N PRO A 267 -13.54 -12.55 15.54
CA PRO A 267 -13.32 -12.55 17.01
C PRO A 267 -13.34 -11.17 17.63
N LEU A 268 -13.86 -11.09 18.87
CA LEU A 268 -14.05 -9.86 19.63
C LEU A 268 -13.07 -9.72 20.79
N ALA A 269 -12.43 -8.56 20.94
CA ALA A 269 -11.48 -8.29 22.04
C ALA A 269 -12.25 -8.12 23.36
N SER A 270 -11.54 -8.29 24.50
CA SER A 270 -12.13 -8.12 25.82
C SER A 270 -12.65 -6.68 25.97
N GLY A 271 -13.86 -6.54 26.50
CA GLY A 271 -14.49 -5.23 26.65
C GLY A 271 -15.26 -4.75 25.42
N LYS A 272 -15.46 -5.62 24.41
CA LYS A 272 -16.19 -5.27 23.18
C LYS A 272 -17.38 -6.20 23.15
N GLN A 273 -18.61 -5.66 23.21
CA GLN A 273 -19.81 -6.49 23.30
C GLN A 273 -20.27 -7.04 21.93
N LYS A 274 -20.46 -6.15 20.94
CA LYS A 274 -20.95 -6.56 19.62
C LYS A 274 -20.27 -5.78 18.50
N ARG A 275 -20.39 -6.29 17.27
CA ARG A 275 -19.87 -5.65 16.07
C ARG A 275 -20.98 -5.56 15.04
N ILE A 276 -21.02 -4.42 14.34
CA ILE A 276 -21.95 -4.13 13.26
C ILE A 276 -21.12 -3.92 12.02
N ALA A 277 -21.44 -4.61 10.92
CA ALA A 277 -20.76 -4.46 9.64
C ALA A 277 -21.74 -3.77 8.67
N VAL A 278 -21.29 -2.69 8.03
CA VAL A 278 -22.09 -1.90 7.09
C VAL A 278 -21.40 -1.96 5.73
N ILE A 279 -22.02 -2.59 4.73
CA ILE A 279 -21.46 -2.74 3.38
C ILE A 279 -22.36 -2.06 2.34
N THR A 280 -21.82 -1.05 1.65
CA THR A 280 -22.55 -0.34 0.60
C THR A 280 -22.39 -1.10 -0.73
N GLN A 281 -23.38 -0.97 -1.64
CA GLN A 281 -23.36 -1.64 -2.93
C GLN A 281 -23.76 -0.65 -4.06
N GLY A 282 -23.32 0.59 -3.96
CA GLY A 282 -23.65 1.62 -4.94
C GLY A 282 -25.14 1.88 -5.03
N ALA A 283 -25.75 1.50 -6.17
CA ALA A 283 -27.19 1.65 -6.38
C ALA A 283 -27.97 0.60 -5.57
N ASP A 284 -27.41 -0.61 -5.45
CA ASP A 284 -28.04 -1.71 -4.70
C ASP A 284 -28.10 -1.38 -3.18
N PRO A 285 -28.94 -2.07 -2.36
CA PRO A 285 -29.11 -1.65 -0.95
C PRO A 285 -27.88 -1.69 -0.03
N VAL A 286 -27.94 -0.90 1.05
CA VAL A 286 -26.89 -0.92 2.06
C VAL A 286 -27.18 -2.18 2.90
N VAL A 287 -26.15 -2.97 3.15
CA VAL A 287 -26.25 -4.22 3.91
C VAL A 287 -25.71 -3.99 5.33
N VAL A 288 -26.53 -4.32 6.36
CA VAL A 288 -26.10 -4.15 7.75
C VAL A 288 -26.29 -5.45 8.53
N ALA A 289 -25.19 -5.97 9.09
CA ALA A 289 -25.20 -7.19 9.91
C ALA A 289 -25.07 -6.81 11.37
N GLU A 290 -25.99 -7.33 12.21
CA GLU A 290 -26.01 -7.04 13.64
C GLU A 290 -26.77 -8.16 14.36
N ASP A 291 -26.24 -8.61 15.53
CA ASP A 291 -26.87 -9.65 16.36
C ASP A 291 -27.17 -10.92 15.56
N GLY A 292 -26.22 -11.34 14.72
CA GLY A 292 -26.37 -12.54 13.93
C GLY A 292 -27.38 -12.49 12.80
N LYS A 293 -27.94 -11.31 12.51
CA LYS A 293 -28.94 -11.15 11.45
C LYS A 293 -28.51 -10.05 10.47
N VAL A 294 -28.97 -10.15 9.22
CA VAL A 294 -28.66 -9.18 8.17
C VAL A 294 -29.94 -8.46 7.74
N LYS A 295 -29.95 -7.13 7.85
CA LYS A 295 -31.04 -6.25 7.42
C LYS A 295 -30.49 -5.48 6.21
N THR A 296 -31.33 -5.29 5.19
CA THR A 296 -30.92 -4.65 3.93
C THR A 296 -31.79 -3.40 3.68
N PHE A 297 -31.16 -2.27 3.33
CA PHE A 297 -31.85 -0.99 3.19
C PHE A 297 -31.81 -0.40 1.77
N PRO A 298 -32.93 -0.37 1.02
CA PRO A 298 -32.90 0.28 -0.31
C PRO A 298 -32.49 1.74 -0.26
N VAL A 299 -31.69 2.17 -1.25
CA VAL A 299 -31.22 3.54 -1.36
C VAL A 299 -32.39 4.46 -1.74
N ILE A 300 -32.62 5.54 -0.97
CA ILE A 300 -33.68 6.49 -1.27
C ILE A 300 -33.01 7.72 -1.88
N LEU A 301 -33.46 8.16 -3.06
CA LEU A 301 -32.84 9.28 -3.77
C LEU A 301 -33.54 10.62 -3.50
N LEU A 302 -32.79 11.72 -3.68
CA LEU A 302 -33.31 13.08 -3.54
C LEU A 302 -33.96 13.51 -4.88
N PRO A 303 -34.80 14.59 -4.95
CA PRO A 303 -35.38 14.97 -6.26
C PRO A 303 -34.36 15.05 -7.43
N LYS A 304 -34.62 14.22 -8.48
CA LYS A 304 -33.74 14.00 -9.64
C LYS A 304 -32.58 13.08 -9.24
N ASN A 311 -17.85 10.21 -6.86
CA ASN A 311 -16.64 10.72 -6.24
C ASN A 311 -16.94 11.24 -4.82
N GLY A 312 -16.32 10.64 -3.82
CA GLY A 312 -16.53 11.02 -2.43
C GLY A 312 -17.86 10.57 -1.83
N ALA A 313 -18.67 9.79 -2.59
CA ALA A 313 -19.97 9.32 -2.11
C ALA A 313 -19.83 8.37 -0.92
N GLY A 314 -18.93 7.38 -0.99
CA GLY A 314 -18.69 6.49 0.13
C GLY A 314 -18.30 7.20 1.42
N ASP A 315 -17.38 8.20 1.33
CA ASP A 315 -16.93 9.01 2.48
C ASP A 315 -18.10 9.79 3.08
N ALA A 316 -18.93 10.40 2.20
CA ALA A 316 -20.11 11.15 2.63
C ALA A 316 -21.12 10.23 3.31
N PHE A 317 -21.32 9.00 2.79
CA PHE A 317 -22.21 8.02 3.42
C PHE A 317 -21.75 7.76 4.88
N VAL A 318 -20.45 7.51 5.06
CA VAL A 318 -19.91 7.26 6.38
C VAL A 318 -20.12 8.48 7.31
N GLY A 319 -19.90 9.69 6.80
CA GLY A 319 -20.11 10.92 7.55
C GLY A 319 -21.54 11.12 8.04
N GLY A 320 -22.51 10.82 7.18
CA GLY A 320 -23.92 10.92 7.56
C GLY A 320 -24.27 9.86 8.59
N PHE A 321 -23.78 8.64 8.40
CA PHE A 321 -23.98 7.54 9.35
C PHE A 321 -23.39 7.92 10.74
N LEU A 322 -22.14 8.43 10.77
CA LEU A 322 -21.47 8.84 12.00
C LEU A 322 -22.23 9.95 12.74
N SER A 323 -22.83 10.90 12.00
CA SER A 323 -23.58 11.99 12.63
C SER A 323 -24.74 11.47 13.50
N GLN A 324 -25.52 10.53 12.97
CA GLN A 324 -26.65 9.95 13.67
C GLN A 324 -26.21 8.99 14.77
N LEU A 325 -25.06 8.33 14.58
CA LEU A 325 -24.48 7.44 15.58
C LEU A 325 -24.12 8.25 16.82
N VAL A 326 -23.51 9.43 16.62
CA VAL A 326 -23.14 10.38 17.69
C VAL A 326 -24.39 10.82 18.47
N LEU A 327 -25.53 10.98 17.77
CA LEU A 327 -26.79 11.39 18.40
C LEU A 327 -27.58 10.22 19.04
N GLY A 328 -26.99 9.03 19.12
CA GLY A 328 -27.63 7.85 19.71
C GLY A 328 -28.85 7.32 18.96
N LYS A 329 -28.90 7.56 17.64
CA LYS A 329 -30.03 7.15 16.80
C LYS A 329 -29.87 5.71 16.30
N GLY A 330 -30.98 5.11 15.86
CA GLY A 330 -30.99 3.74 15.35
C GLY A 330 -30.30 3.59 14.00
N ILE A 331 -30.07 2.33 13.59
CA ILE A 331 -29.37 1.96 12.36
C ILE A 331 -30.08 2.47 11.10
N GLU A 332 -31.42 2.42 11.07
CA GLU A 332 -32.16 2.91 9.92
C GLU A 332 -31.94 4.41 9.73
N ASP A 333 -31.95 5.21 10.83
CA ASP A 333 -31.67 6.65 10.76
C ASP A 333 -30.23 6.87 10.28
N CYS A 334 -29.28 6.05 10.78
CA CYS A 334 -27.88 6.12 10.37
C CYS A 334 -27.73 5.89 8.86
N VAL A 335 -28.39 4.84 8.34
CA VAL A 335 -28.32 4.51 6.92
C VAL A 335 -28.98 5.62 6.08
N ARG A 336 -30.15 6.11 6.49
CA ARG A 336 -30.85 7.16 5.74
C ARG A 336 -30.06 8.45 5.70
N ALA A 337 -29.40 8.82 6.81
CA ALA A 337 -28.56 10.01 6.85
C ALA A 337 -27.35 9.85 5.95
N GLY A 338 -26.76 8.65 5.93
CA GLY A 338 -25.65 8.31 5.06
C GLY A 338 -26.03 8.45 3.60
N CYS A 339 -27.22 7.93 3.21
CA CYS A 339 -27.70 8.05 1.85
C CYS A 339 -28.00 9.51 1.50
N TYR A 340 -28.57 10.27 2.44
CA TYR A 340 -28.85 11.69 2.25
C TYR A 340 -27.55 12.46 1.96
N ALA A 341 -26.52 12.28 2.80
CA ALA A 341 -25.26 12.97 2.62
C ALA A 341 -24.58 12.56 1.31
N ALA A 342 -24.59 11.26 0.99
CA ALA A 342 -24.02 10.76 -0.26
C ALA A 342 -24.73 11.36 -1.47
N ASN A 343 -26.06 11.44 -1.43
CA ASN A 343 -26.84 12.00 -2.55
C ASN A 343 -26.61 13.52 -2.71
N VAL A 344 -26.30 14.24 -1.62
CA VAL A 344 -26.02 15.67 -1.71
C VAL A 344 -24.64 15.88 -2.36
N ILE A 345 -23.62 15.19 -1.83
CA ILE A 345 -22.21 15.31 -2.27
C ILE A 345 -22.03 14.93 -3.77
N ILE A 346 -22.73 13.91 -4.27
CA ILE A 346 -22.61 13.53 -5.70
C ILE A 346 -23.09 14.64 -6.65
N GLN A 347 -24.05 15.48 -6.20
CA GLN A 347 -24.57 16.59 -7.02
C GLN A 347 -23.72 17.88 -6.88
N ARG A 348 -22.52 17.82 -6.26
CA ARG A 348 -21.66 19.00 -6.04
C ARG A 348 -20.20 18.71 -6.46
N PRO A 349 -19.41 19.68 -7.01
CA PRO A 349 -18.03 19.36 -7.39
C PRO A 349 -17.14 19.02 -6.17
N GLY A 350 -16.69 17.79 -6.10
CA GLY A 350 -15.90 17.31 -4.96
C GLY A 350 -16.77 16.97 -3.76
N CYS A 351 -16.15 16.73 -2.59
CA CYS A 351 -16.90 16.43 -1.38
C CYS A 351 -17.28 17.74 -0.66
N THR A 352 -18.17 18.52 -1.29
CA THR A 352 -18.68 19.81 -0.82
C THR A 352 -20.19 19.72 -0.51
N TYR A 353 -20.74 20.72 0.20
CA TYR A 353 -22.15 20.69 0.61
C TYR A 353 -22.73 22.11 0.84
N PRO A 354 -24.08 22.31 0.89
CA PRO A 354 -24.60 23.66 1.20
C PRO A 354 -24.37 24.06 2.67
N GLU A 355 -24.70 25.31 3.05
CA GLU A 355 -24.48 25.80 4.41
C GLU A 355 -25.05 24.89 5.50
N LYS A 356 -26.34 24.53 5.40
CA LYS A 356 -27.01 23.73 6.41
C LYS A 356 -27.71 22.48 5.83
N PRO A 357 -27.79 21.36 6.57
CA PRO A 357 -28.50 20.19 6.05
C PRO A 357 -30.01 20.28 6.23
N ASP A 358 -30.74 19.44 5.49
CA ASP A 358 -32.19 19.36 5.56
C ASP A 358 -32.56 17.88 5.61
N PHE A 359 -32.14 17.21 6.70
CA PHE A 359 -32.40 15.78 6.91
C PHE A 359 -33.25 15.56 8.16
N ASN A 360 -34.23 14.65 8.08
CA ASN A 360 -35.09 14.29 9.20
C ASN A 360 -35.34 12.78 9.18
N ALA B 20 29.01 -16.08 -21.22
CA ALA B 20 29.22 -15.30 -20.01
C ALA B 20 28.20 -14.12 -19.91
N ALA B 21 28.07 -13.54 -18.70
CA ALA B 21 27.19 -12.42 -18.43
C ALA B 21 28.00 -11.12 -18.52
N SER B 22 27.54 -10.13 -19.32
CA SER B 22 28.24 -8.85 -19.49
C SER B 22 28.09 -7.92 -18.27
N GLU B 23 28.90 -6.84 -18.21
CA GLU B 23 28.86 -5.89 -17.11
C GLU B 23 27.49 -5.23 -17.02
N GLY B 24 26.92 -5.23 -15.82
CA GLY B 24 25.62 -4.66 -15.54
C GLY B 24 24.50 -5.18 -16.40
N VAL B 25 24.62 -6.44 -16.88
CA VAL B 25 23.60 -7.05 -17.74
C VAL B 25 22.25 -7.10 -17.06
N LEU B 26 22.21 -7.25 -15.73
CA LEU B 26 20.96 -7.29 -14.98
C LEU B 26 20.92 -6.14 -13.98
N LEU B 27 19.85 -5.36 -14.00
CA LEU B 27 19.63 -4.25 -13.08
C LEU B 27 18.33 -4.48 -12.31
N GLY B 28 18.33 -4.11 -11.03
CA GLY B 28 17.14 -4.11 -10.20
C GLY B 28 16.96 -2.75 -9.56
N MET B 29 15.71 -2.34 -9.35
CA MET B 29 15.39 -1.09 -8.67
C MET B 29 14.34 -1.40 -7.63
N GLY B 30 14.50 -0.88 -6.42
CA GLY B 30 13.54 -1.13 -5.37
C GLY B 30 13.68 -0.32 -4.11
N ASN B 31 13.25 -0.95 -3.00
CA ASN B 31 13.22 -0.38 -1.66
C ASN B 31 14.22 -1.14 -0.83
N PRO B 32 15.50 -0.69 -0.73
CA PRO B 32 16.48 -1.46 0.03
C PRO B 32 16.35 -1.29 1.54
N LEU B 33 16.54 -2.39 2.27
CA LEU B 33 16.50 -2.40 3.72
C LEU B 33 17.71 -3.14 4.20
N LEU B 34 18.39 -2.65 5.24
CA LEU B 34 19.50 -3.38 5.81
C LEU B 34 18.88 -4.42 6.73
N ASP B 35 18.98 -5.69 6.39
CA ASP B 35 18.45 -6.75 7.23
C ASP B 35 19.46 -7.04 8.32
N ILE B 36 19.00 -6.98 9.56
CA ILE B 36 19.82 -7.24 10.74
C ILE B 36 19.32 -8.56 11.28
N SER B 37 19.97 -9.65 10.87
CA SER B 37 19.56 -11.01 11.22
C SER B 37 20.33 -11.60 12.39
N ALA B 38 19.63 -12.36 13.22
CA ALA B 38 20.22 -13.05 14.37
C ALA B 38 19.29 -14.17 14.85
N VAL B 39 19.87 -15.23 15.42
CA VAL B 39 19.07 -16.28 16.02
C VAL B 39 18.66 -15.74 17.37
N VAL B 40 17.37 -15.83 17.68
CA VAL B 40 16.88 -15.36 18.96
C VAL B 40 16.36 -16.56 19.79
N ASP B 41 16.04 -16.33 21.07
CA ASP B 41 15.51 -17.35 21.97
C ASP B 41 14.13 -16.90 22.50
N ASP B 42 13.47 -17.76 23.30
CA ASP B 42 12.17 -17.42 23.89
C ASP B 42 12.24 -16.11 24.72
N ALA B 43 13.31 -15.93 25.50
CA ALA B 43 13.45 -14.75 26.35
C ALA B 43 13.46 -13.47 25.52
N PHE B 44 14.16 -13.45 24.37
CA PHE B 44 14.19 -12.29 23.49
C PHE B 44 12.82 -12.02 22.88
N LEU B 45 12.13 -13.07 22.40
CA LEU B 45 10.83 -12.90 21.77
C LEU B 45 9.81 -12.34 22.76
N THR B 46 9.80 -12.88 23.99
CA THR B 46 8.91 -12.41 25.04
C THR B 46 9.24 -10.96 25.43
N LYS B 47 10.53 -10.63 25.62
CA LYS B 47 10.98 -9.29 25.98
C LYS B 47 10.41 -8.19 25.09
N TYR B 48 10.47 -8.36 23.76
CA TYR B 48 9.96 -7.36 22.82
C TYR B 48 8.56 -7.72 22.26
N ASP B 49 7.83 -8.65 22.93
CA ASP B 49 6.49 -9.10 22.53
C ASP B 49 6.38 -9.36 21.02
N ILE B 50 7.32 -10.18 20.49
CA ILE B 50 7.45 -10.54 19.08
C ILE B 50 6.89 -11.95 18.83
N LYS B 51 5.99 -12.11 17.85
CA LYS B 51 5.42 -13.39 17.45
C LYS B 51 6.17 -13.91 16.20
N LEU B 52 6.45 -15.23 16.12
CA LEU B 52 7.10 -15.81 14.94
C LEU B 52 6.12 -15.92 13.76
N ASN B 53 6.66 -16.00 12.53
CA ASN B 53 5.94 -16.00 11.25
C ASN B 53 4.95 -14.83 11.22
N ASN B 54 5.53 -13.63 11.34
CA ASN B 54 4.80 -12.38 11.42
C ASN B 54 5.67 -11.27 10.85
N ALA B 55 5.06 -10.34 10.12
CA ALA B 55 5.73 -9.20 9.50
C ALA B 55 5.07 -7.96 10.08
N ILE B 56 5.87 -7.11 10.75
CA ILE B 56 5.42 -5.92 11.45
C ILE B 56 6.07 -4.68 10.84
N LEU B 57 5.33 -3.56 10.71
CA LEU B 57 5.88 -2.30 10.22
C LEU B 57 6.09 -1.41 11.43
N ALA B 58 7.35 -1.00 11.68
CA ALA B 58 7.71 -0.14 12.79
C ALA B 58 7.91 1.29 12.28
N GLU B 59 7.38 2.26 13.02
CA GLU B 59 7.49 3.69 12.65
C GLU B 59 8.89 4.24 12.92
N GLU B 60 9.59 3.69 13.93
CA GLU B 60 10.95 4.06 14.26
C GLU B 60 11.73 2.81 14.68
N LYS B 61 13.05 2.91 14.72
CA LYS B 61 13.89 1.81 15.14
C LYS B 61 13.74 1.65 16.64
N HIS B 62 13.42 0.44 17.13
CA HIS B 62 13.36 0.19 18.56
C HIS B 62 14.83 0.05 18.96
N LEU B 63 15.44 1.17 19.37
CA LEU B 63 16.88 1.23 19.62
C LEU B 63 17.39 0.15 20.65
N PRO B 64 16.76 -0.08 21.83
CA PRO B 64 17.24 -1.19 22.69
C PRO B 64 17.26 -2.55 21.98
N MET B 65 16.26 -2.86 21.12
CA MET B 65 16.24 -4.11 20.37
C MET B 65 17.36 -4.20 19.33
N TYR B 66 17.64 -3.08 18.63
CA TYR B 66 18.70 -3.04 17.61
C TYR B 66 20.08 -3.24 18.24
N ASP B 67 20.32 -2.63 19.39
CA ASP B 67 21.60 -2.80 20.10
C ASP B 67 21.74 -4.22 20.59
N GLU B 68 20.66 -4.82 21.14
CA GLU B 68 20.70 -6.20 21.63
C GLU B 68 20.96 -7.18 20.49
N LEU B 69 20.33 -6.94 19.34
CA LEU B 69 20.50 -7.75 18.14
C LEU B 69 21.95 -7.63 17.66
N ALA B 70 22.49 -6.40 17.61
CA ALA B 70 23.89 -6.12 17.24
C ALA B 70 24.89 -6.83 18.19
N SER B 71 24.56 -6.88 19.49
CA SER B 71 25.39 -7.52 20.51
C SER B 71 25.39 -9.07 20.44
N LYS B 72 24.55 -9.68 19.59
CA LYS B 72 24.50 -11.14 19.47
C LYS B 72 25.78 -11.68 18.80
N SER B 73 26.04 -12.98 18.98
CA SER B 73 27.22 -13.64 18.41
C SER B 73 27.05 -13.95 16.91
N ASN B 74 25.90 -14.50 16.50
CA ASN B 74 25.67 -14.87 15.10
C ASN B 74 24.94 -13.76 14.29
N VAL B 75 25.12 -12.47 14.65
CA VAL B 75 24.44 -11.37 13.91
C VAL B 75 25.02 -11.17 12.51
N GLU B 76 24.17 -10.77 11.55
CA GLU B 76 24.55 -10.58 10.17
C GLU B 76 23.81 -9.36 9.59
N TYR B 77 24.50 -8.55 8.79
CA TYR B 77 23.97 -7.34 8.16
C TYR B 77 23.95 -7.56 6.67
N ILE B 78 22.76 -7.71 6.08
CA ILE B 78 22.60 -8.04 4.67
C ILE B 78 21.89 -6.89 3.91
N ALA B 79 22.36 -6.57 2.69
CA ALA B 79 21.74 -5.56 1.83
C ALA B 79 20.47 -6.24 1.29
N GLY B 80 19.37 -6.02 2.01
CA GLY B 80 18.08 -6.66 1.75
C GLY B 80 17.08 -5.83 0.99
N GLY B 81 15.82 -6.20 1.19
CA GLY B 81 14.70 -5.69 0.42
C GLY B 81 14.45 -6.74 -0.65
N ALA B 82 13.20 -7.05 -0.93
CA ALA B 82 12.84 -8.10 -1.89
C ALA B 82 13.62 -8.09 -3.23
N THR B 83 13.65 -6.95 -3.95
CA THR B 83 14.34 -6.88 -5.24
C THR B 83 15.85 -7.01 -5.08
N GLN B 84 16.44 -6.33 -4.08
CA GLN B 84 17.88 -6.42 -3.86
C GLN B 84 18.30 -7.85 -3.52
N ASN B 85 17.50 -8.56 -2.71
CA ASN B 85 17.71 -9.99 -2.40
C ASN B 85 17.77 -10.81 -3.71
N SER B 86 16.81 -10.57 -4.65
CA SER B 86 16.78 -11.24 -5.95
C SER B 86 18.04 -10.95 -6.76
N ILE B 87 18.48 -9.69 -6.77
CA ILE B 87 19.69 -9.30 -7.50
C ILE B 87 20.95 -9.96 -6.89
N ARG B 88 21.06 -10.00 -5.57
CA ARG B 88 22.18 -10.66 -4.91
C ARG B 88 22.21 -12.16 -5.19
N VAL B 89 21.03 -12.80 -5.16
CA VAL B 89 20.91 -14.24 -5.43
C VAL B 89 21.29 -14.52 -6.89
N ALA B 90 20.87 -13.66 -7.81
CA ALA B 90 21.24 -13.81 -9.22
C ALA B 90 22.76 -13.65 -9.39
N GLN B 91 23.37 -12.67 -8.69
CA GLN B 91 24.82 -12.45 -8.75
C GLN B 91 25.58 -13.66 -8.20
N TRP B 92 25.14 -14.21 -7.06
CA TRP B 92 25.75 -15.40 -6.46
C TRP B 92 25.64 -16.57 -7.42
N MET B 93 24.48 -16.72 -8.04
CA MET B 93 24.22 -17.81 -8.97
C MET B 93 25.09 -17.69 -10.23
N LEU B 94 25.28 -16.45 -10.73
CA LEU B 94 26.09 -16.20 -11.93
C LEU B 94 27.58 -16.33 -11.70
N GLN B 95 28.08 -15.87 -10.54
CA GLN B 95 29.51 -15.91 -10.19
C GLN B 95 30.41 -15.09 -11.13
N THR B 96 29.85 -14.22 -11.97
CA THR B 96 30.65 -13.41 -12.90
C THR B 96 30.79 -12.01 -12.30
N PRO B 97 32.00 -11.51 -11.92
CA PRO B 97 32.07 -10.17 -11.34
C PRO B 97 31.53 -9.06 -12.24
N GLY B 98 30.78 -8.13 -11.65
CA GLY B 98 30.23 -6.98 -12.35
C GLY B 98 28.97 -7.23 -13.16
N ALA B 99 28.40 -8.44 -13.13
CA ALA B 99 27.22 -8.75 -13.92
C ALA B 99 25.94 -8.06 -13.45
N THR B 100 25.85 -7.65 -12.18
CA THR B 100 24.63 -7.05 -11.65
C THR B 100 24.77 -5.62 -11.17
N SER B 101 23.64 -4.89 -11.22
CA SER B 101 23.50 -3.53 -10.77
C SER B 101 22.22 -3.40 -9.93
N TYR B 102 22.17 -2.34 -9.10
CA TYR B 102 21.01 -2.07 -8.26
C TYR B 102 20.94 -0.58 -7.93
N MET B 103 19.72 -0.01 -7.94
CA MET B 103 19.50 1.36 -7.52
C MET B 103 18.31 1.41 -6.55
N GLY B 104 18.45 2.24 -5.53
CA GLY B 104 17.44 2.41 -4.50
C GLY B 104 17.82 3.52 -3.53
N CYS B 105 16.94 3.87 -2.59
CA CYS B 105 17.22 4.96 -1.65
C CYS B 105 17.66 4.49 -0.26
N ILE B 106 18.72 5.13 0.27
CA ILE B 106 19.28 4.92 1.61
C ILE B 106 19.46 6.30 2.28
N GLY B 107 19.79 6.30 3.58
CA GLY B 107 20.08 7.52 4.32
C GLY B 107 21.57 7.73 4.52
N LYS B 108 21.94 8.89 5.07
CA LYS B 108 23.33 9.24 5.33
C LYS B 108 23.69 8.86 6.77
N ASP B 109 23.82 7.57 7.04
CA ASP B 109 24.11 7.07 8.39
C ASP B 109 24.96 5.78 8.36
N LYS B 110 25.31 5.21 9.54
CA LYS B 110 26.09 3.98 9.65
C LYS B 110 25.40 2.79 8.95
N PHE B 111 24.07 2.69 9.02
CA PHE B 111 23.34 1.59 8.35
C PHE B 111 23.43 1.72 6.82
N GLY B 112 23.47 2.93 6.30
CA GLY B 112 23.67 3.16 4.86
C GLY B 112 25.04 2.71 4.42
N GLU B 113 26.08 2.95 5.26
CA GLU B 113 27.45 2.52 4.96
C GLU B 113 27.56 1.00 5.07
N GLU B 114 26.86 0.37 6.02
CA GLU B 114 26.83 -1.10 6.12
C GLU B 114 26.14 -1.69 4.89
N MET B 115 25.07 -1.03 4.40
CA MET B 115 24.37 -1.46 3.20
C MET B 115 25.30 -1.43 2.00
N LYS B 116 26.10 -0.38 1.87
CA LYS B 116 27.08 -0.24 0.79
C LYS B 116 28.14 -1.35 0.91
N LYS B 117 28.63 -1.61 2.14
CA LYS B 117 29.61 -2.66 2.39
C LYS B 117 29.08 -4.04 1.99
N ASN B 118 27.86 -4.42 2.41
CA ASN B 118 27.33 -5.73 2.09
C ASN B 118 27.01 -5.90 0.62
N ALA B 119 26.52 -4.84 -0.06
CA ALA B 119 26.24 -4.94 -1.51
C ALA B 119 27.54 -5.22 -2.27
N GLN B 120 28.64 -4.59 -1.84
CA GLN B 120 29.95 -4.79 -2.46
C GLN B 120 30.47 -6.21 -2.16
N ALA B 121 30.25 -6.72 -0.94
CA ALA B 121 30.64 -8.08 -0.56
C ALA B 121 29.86 -9.11 -1.38
N ALA B 122 28.57 -8.84 -1.64
CA ALA B 122 27.74 -9.70 -2.47
C ALA B 122 28.04 -9.59 -3.98
N GLY B 123 28.93 -8.68 -4.38
CA GLY B 123 29.30 -8.48 -5.77
C GLY B 123 28.29 -7.72 -6.62
N VAL B 124 27.45 -6.89 -6.01
CA VAL B 124 26.43 -6.11 -6.73
C VAL B 124 26.89 -4.65 -6.84
N THR B 125 26.79 -4.05 -8.04
CA THR B 125 27.16 -2.64 -8.27
C THR B 125 25.95 -1.81 -7.88
N ALA B 126 25.97 -1.24 -6.68
CA ALA B 126 24.84 -0.50 -6.16
C ALA B 126 25.07 1.01 -6.20
N HIS B 127 24.20 1.74 -6.90
CA HIS B 127 24.24 3.20 -6.95
C HIS B 127 23.02 3.66 -6.18
N TYR B 128 23.20 3.94 -4.88
CA TYR B 128 22.08 4.36 -4.05
C TYR B 128 21.90 5.88 -4.06
N TYR B 129 20.64 6.30 -3.96
CA TYR B 129 20.25 7.69 -3.83
C TYR B 129 20.25 7.95 -2.33
N GLU B 130 21.01 8.94 -1.86
CA GLU B 130 21.10 9.23 -0.45
C GLU B 130 20.16 10.37 -0.07
N ASP B 131 19.08 10.06 0.66
CA ASP B 131 18.17 11.09 1.13
C ASP B 131 18.90 11.92 2.19
N GLU B 132 18.67 13.24 2.18
CA GLU B 132 19.37 14.14 3.08
C GLU B 132 18.93 14.02 4.55
N THR B 133 17.69 13.58 4.84
CA THR B 133 17.20 13.53 6.22
C THR B 133 16.70 12.17 6.72
N ALA B 134 16.15 11.33 5.85
CA ALA B 134 15.58 10.05 6.28
C ALA B 134 16.65 9.00 6.64
N PRO B 135 16.62 8.34 7.82
CA PRO B 135 17.58 7.24 8.08
C PRO B 135 17.38 6.07 7.13
N THR B 136 18.43 5.28 6.87
CA THR B 136 18.35 4.10 6.01
C THR B 136 17.31 3.10 6.52
N GLY B 137 16.56 2.50 5.60
CA GLY B 137 15.56 1.50 5.94
C GLY B 137 16.24 0.27 6.50
N THR B 138 15.65 -0.31 7.56
CA THR B 138 16.20 -1.48 8.23
C THR B 138 15.10 -2.53 8.47
N CYS B 139 15.51 -3.78 8.72
CA CYS B 139 14.59 -4.85 9.03
C CYS B 139 15.23 -5.82 9.99
N ALA B 140 14.69 -5.93 11.20
CA ALA B 140 15.17 -6.91 12.17
C ALA B 140 14.62 -8.26 11.74
N VAL B 141 15.49 -9.23 11.50
CA VAL B 141 15.11 -10.59 11.12
C VAL B 141 15.44 -11.48 12.30
N CYS B 142 14.42 -11.85 13.07
CA CYS B 142 14.56 -12.68 14.26
C CYS B 142 14.23 -14.12 13.89
N VAL B 143 15.25 -14.99 13.89
CA VAL B 143 15.10 -16.37 13.42
C VAL B 143 15.21 -17.39 14.55
N VAL B 144 14.28 -18.37 14.59
CA VAL B 144 14.33 -19.52 15.50
C VAL B 144 13.82 -20.70 14.69
N GLY B 145 14.63 -21.76 14.61
CA GLY B 145 14.30 -22.94 13.83
C GLY B 145 14.16 -22.58 12.36
N GLY B 146 13.06 -23.01 11.76
CA GLY B 146 12.73 -22.68 10.38
C GLY B 146 11.74 -21.53 10.27
N GLU B 147 11.52 -20.76 11.36
CA GLU B 147 10.59 -19.64 11.36
C GLU B 147 11.31 -18.30 11.56
N ARG B 148 10.67 -17.20 11.13
CA ARG B 148 11.26 -15.87 11.25
C ARG B 148 10.20 -14.82 11.54
N SER B 149 10.63 -13.73 12.17
CA SER B 149 9.77 -12.59 12.45
C SER B 149 10.51 -11.38 11.93
N LEU B 150 9.82 -10.52 11.21
CA LEU B 150 10.39 -9.33 10.58
C LEU B 150 9.78 -8.07 11.16
N ILE B 151 10.63 -7.10 11.55
CA ILE B 151 10.18 -5.81 12.06
C ILE B 151 10.88 -4.79 11.17
N ALA B 152 10.13 -4.21 10.21
CA ALA B 152 10.65 -3.31 9.19
C ALA B 152 10.39 -1.83 9.42
N ASN B 153 11.44 -1.00 9.28
CA ASN B 153 11.35 0.45 9.34
C ASN B 153 11.87 0.89 7.97
N LEU B 154 10.96 1.15 7.03
CA LEU B 154 11.30 1.45 5.64
C LEU B 154 12.02 2.77 5.46
N SER B 155 11.60 3.80 6.19
CA SER B 155 12.23 5.12 6.22
C SER B 155 12.75 5.60 4.79
N ALA B 156 14.08 5.70 4.51
CA ALA B 156 14.61 6.21 3.24
C ALA B 156 14.22 5.39 2.01
N ALA B 157 13.98 4.08 2.15
CA ALA B 157 13.60 3.24 1.02
C ALA B 157 12.38 3.77 0.25
N ASN B 158 11.48 4.52 0.91
CA ASN B 158 10.30 5.11 0.28
C ASN B 158 10.54 6.51 -0.31
N CYS B 159 11.78 7.03 -0.28
CA CYS B 159 12.09 8.37 -0.76
C CYS B 159 12.86 8.41 -2.07
N TYR B 160 12.88 7.31 -2.87
CA TYR B 160 13.61 7.34 -4.14
C TYR B 160 12.97 8.34 -5.11
N LYS B 161 13.80 9.10 -5.85
CA LYS B 161 13.34 10.10 -6.81
C LYS B 161 13.98 9.84 -8.17
N SER B 162 13.21 10.02 -9.25
CA SER B 162 13.69 9.81 -10.61
C SER B 162 14.85 10.74 -10.99
N GLU B 163 15.06 11.87 -10.25
CA GLU B 163 16.21 12.73 -10.52
C GLU B 163 17.53 11.95 -10.35
N HIS B 164 17.59 10.98 -9.43
CA HIS B 164 18.79 10.16 -9.27
C HIS B 164 18.97 9.29 -10.53
N LEU B 165 17.90 8.60 -10.94
CA LEU B 165 17.91 7.76 -12.14
C LEU B 165 18.39 8.50 -13.39
N LYS B 166 17.90 9.75 -13.59
CA LYS B 166 18.20 10.56 -14.77
C LYS B 166 19.63 11.10 -14.80
N ARG B 167 20.40 11.00 -13.70
CA ARG B 167 21.80 11.46 -13.71
C ARG B 167 22.60 10.54 -14.65
N PRO B 168 23.53 11.07 -15.48
CA PRO B 168 24.25 10.19 -16.41
C PRO B 168 24.94 8.96 -15.81
N GLU B 169 25.56 9.08 -14.63
CA GLU B 169 26.23 7.91 -14.00
C GLU B 169 25.26 6.78 -13.61
N ASN B 170 23.98 7.11 -13.31
CA ASN B 170 22.96 6.15 -12.90
C ASN B 170 22.16 5.66 -14.09
N TRP B 171 21.87 6.54 -15.06
CA TRP B 171 21.19 6.12 -16.28
C TRP B 171 22.10 5.17 -17.09
N ALA B 172 23.45 5.29 -16.96
CA ALA B 172 24.40 4.37 -17.60
C ALA B 172 24.11 2.91 -17.20
N LEU B 173 23.59 2.68 -15.98
CA LEU B 173 23.23 1.32 -15.53
C LEU B 173 22.02 0.78 -16.29
N VAL B 174 21.10 1.66 -16.68
CA VAL B 174 19.92 1.28 -17.47
C VAL B 174 20.41 0.97 -18.89
N GLU B 175 21.25 1.85 -19.45
CA GLU B 175 21.84 1.67 -20.78
C GLU B 175 22.61 0.35 -20.88
N LYS B 176 23.40 -0.01 -19.84
CA LYS B 176 24.17 -1.25 -19.80
C LYS B 176 23.28 -2.50 -19.75
N ALA B 177 22.17 -2.42 -19.01
CA ALA B 177 21.33 -3.58 -18.76
C ALA B 177 20.55 -4.09 -19.94
N LYS B 178 20.48 -5.42 -20.07
CA LYS B 178 19.66 -6.15 -21.02
C LYS B 178 18.36 -6.61 -20.32
N TYR B 179 18.42 -6.89 -18.98
CA TYR B 179 17.28 -7.30 -18.16
C TYR B 179 17.17 -6.33 -17.00
N ILE B 180 15.98 -5.75 -16.80
CA ILE B 180 15.72 -4.79 -15.73
C ILE B 180 14.50 -5.31 -14.95
N TYR B 181 14.69 -5.61 -13.67
CA TYR B 181 13.65 -6.15 -12.80
C TYR B 181 13.25 -5.17 -11.71
N ILE B 182 11.94 -4.93 -11.56
CA ILE B 182 11.36 -4.01 -10.57
C ILE B 182 10.07 -4.60 -10.05
N ALA B 183 9.88 -4.59 -8.73
CA ALA B 183 8.66 -5.07 -8.12
C ALA B 183 7.52 -4.08 -8.32
N GLY B 184 6.29 -4.60 -8.31
CA GLY B 184 5.11 -3.78 -8.45
C GLY B 184 4.97 -2.80 -7.31
N PHE B 185 5.38 -3.19 -6.10
CA PHE B 185 5.32 -2.33 -4.92
C PHE B 185 6.09 -1.01 -5.11
N PHE B 186 7.18 -0.99 -5.90
CA PHE B 186 7.95 0.23 -6.15
C PHE B 186 7.13 1.33 -6.84
N LEU B 187 5.94 1.02 -7.39
CA LEU B 187 5.04 2.04 -7.95
C LEU B 187 4.52 2.97 -6.83
N THR B 188 4.51 2.52 -5.56
CA THR B 188 4.11 3.36 -4.44
C THR B 188 5.21 4.39 -4.07
N VAL B 189 6.44 4.27 -4.60
CA VAL B 189 7.57 5.12 -4.27
C VAL B 189 7.93 6.03 -5.46
N SER B 190 8.21 5.45 -6.64
CA SER B 190 8.61 6.24 -7.81
C SER B 190 8.03 5.67 -9.11
N PRO B 191 6.74 5.91 -9.39
CA PRO B 191 6.18 5.41 -10.66
C PRO B 191 6.83 6.04 -11.90
N ASP B 192 7.41 7.23 -11.78
CA ASP B 192 8.10 7.87 -12.91
C ASP B 192 9.36 7.12 -13.29
N SER B 193 10.09 6.57 -12.31
CA SER B 193 11.29 5.78 -12.60
C SER B 193 10.91 4.49 -13.31
N ILE B 194 9.86 3.81 -12.85
CA ILE B 194 9.42 2.54 -13.44
C ILE B 194 8.98 2.76 -14.88
N GLN B 195 8.12 3.75 -15.10
CA GLN B 195 7.59 4.04 -16.43
C GLN B 195 8.71 4.44 -17.37
N LEU B 196 9.69 5.20 -16.88
CA LEU B 196 10.82 5.63 -17.69
C LEU B 196 11.67 4.44 -18.15
N VAL B 197 12.02 3.52 -17.24
CA VAL B 197 12.84 2.36 -17.62
C VAL B 197 12.03 1.34 -18.42
N ALA B 198 10.73 1.19 -18.12
CA ALA B 198 9.88 0.26 -18.86
C ALA B 198 9.70 0.74 -20.30
N GLU B 199 9.49 2.06 -20.50
CA GLU B 199 9.35 2.60 -21.84
C GLU B 199 10.70 2.55 -22.58
N HIS B 200 11.81 2.80 -21.87
CA HIS B 200 13.13 2.71 -22.47
C HIS B 200 13.41 1.28 -22.94
N ALA B 201 13.09 0.28 -22.11
CA ALA B 201 13.30 -1.12 -22.48
C ALA B 201 12.53 -1.54 -23.75
N ALA B 202 11.29 -1.07 -23.91
CA ALA B 202 10.49 -1.40 -25.08
C ALA B 202 11.06 -0.75 -26.35
N ALA B 203 11.59 0.47 -26.23
CA ALA B 203 12.17 1.18 -27.37
C ALA B 203 13.58 0.68 -27.73
N ASN B 204 14.29 0.00 -26.79
CA ASN B 204 15.68 -0.44 -27.03
C ASN B 204 15.91 -1.95 -26.90
N ASN B 205 14.91 -2.77 -27.24
CA ASN B 205 15.02 -4.23 -27.24
C ASN B 205 15.60 -4.82 -25.95
N LYS B 206 15.17 -4.29 -24.78
CA LYS B 206 15.60 -4.83 -23.49
C LYS B 206 14.40 -5.58 -22.87
N VAL B 207 14.69 -6.46 -21.92
CA VAL B 207 13.67 -7.23 -21.23
C VAL B 207 13.33 -6.53 -19.91
N PHE B 208 12.04 -6.23 -19.70
CA PHE B 208 11.57 -5.60 -18.47
C PHE B 208 10.72 -6.62 -17.69
N LEU B 209 11.05 -6.84 -16.41
CA LEU B 209 10.39 -7.82 -15.56
C LEU B 209 9.84 -7.18 -14.30
N MET B 210 8.66 -7.63 -13.88
CA MET B 210 7.98 -7.16 -12.67
C MET B 210 7.40 -8.34 -11.88
N ASN B 211 6.85 -8.06 -10.69
CA ASN B 211 6.15 -9.04 -9.90
C ASN B 211 4.83 -8.43 -9.38
N LEU B 212 3.92 -9.27 -8.90
CA LEU B 212 2.63 -8.82 -8.38
C LEU B 212 2.67 -8.59 -6.88
N SER B 213 3.87 -8.38 -6.28
CA SER B 213 4.05 -8.16 -4.84
C SER B 213 3.24 -6.97 -4.39
N ALA B 214 2.54 -7.09 -3.24
CA ALA B 214 1.63 -6.08 -2.69
C ALA B 214 0.54 -5.78 -3.75
N PRO B 215 -0.36 -6.75 -4.04
CA PRO B 215 -1.38 -6.47 -5.07
C PRO B 215 -2.26 -5.29 -4.68
N PHE B 216 -2.42 -4.35 -5.61
CA PHE B 216 -3.14 -3.10 -5.35
C PHE B 216 -4.66 -3.21 -5.36
N ILE B 217 -5.29 -2.53 -4.39
CA ILE B 217 -6.73 -2.44 -4.23
C ILE B 217 -7.19 -0.99 -4.50
N CYS B 218 -6.40 0.01 -4.09
CA CYS B 218 -6.71 1.43 -4.32
C CYS B 218 -6.66 1.77 -5.82
N GLU B 219 -7.63 2.56 -6.30
CA GLU B 219 -7.74 3.00 -7.70
C GLU B 219 -6.47 3.74 -8.15
N PHE B 220 -5.88 4.59 -7.28
CA PHE B 220 -4.64 5.32 -7.61
C PHE B 220 -3.51 4.35 -7.97
N PHE B 221 -3.31 3.32 -7.15
CA PHE B 221 -2.26 2.34 -7.42
C PHE B 221 -2.62 1.38 -8.57
N ARG B 222 -3.90 1.02 -8.73
N ARG B 222 -3.89 1.01 -8.73
CA ARG B 222 -4.33 0.17 -9.84
CA ARG B 222 -4.32 0.16 -9.84
C ARG B 222 -4.04 0.83 -11.20
C ARG B 222 -4.07 0.83 -11.21
N ASP B 223 -4.30 2.16 -11.33
CA ASP B 223 -4.06 2.91 -12.56
C ASP B 223 -2.56 2.96 -12.91
N ALA B 224 -1.70 3.07 -11.90
CA ALA B 224 -0.26 3.08 -12.12
C ALA B 224 0.19 1.72 -12.66
N GLN B 225 -0.31 0.62 -12.06
CA GLN B 225 0.03 -0.74 -12.48
C GLN B 225 -0.48 -0.99 -13.89
N GLU B 226 -1.71 -0.54 -14.21
CA GLU B 226 -2.27 -0.72 -15.55
C GLU B 226 -1.40 -0.09 -16.62
N LYS B 227 -0.73 1.03 -16.31
CA LYS B 227 0.14 1.74 -17.25
C LYS B 227 1.47 1.00 -17.50
N VAL B 228 1.99 0.25 -16.52
CA VAL B 228 3.27 -0.48 -16.72
C VAL B 228 3.09 -1.91 -17.24
N LEU B 229 1.96 -2.59 -16.95
CA LEU B 229 1.78 -3.99 -17.37
C LEU B 229 2.03 -4.21 -18.89
N PRO B 230 1.58 -3.34 -19.82
CA PRO B 230 1.87 -3.58 -21.24
C PRO B 230 3.36 -3.68 -21.58
N TYR B 231 4.23 -3.11 -20.72
CA TYR B 231 5.67 -3.11 -20.92
C TYR B 231 6.38 -4.30 -20.27
N ALA B 232 5.67 -5.14 -19.49
CA ALA B 232 6.29 -6.26 -18.79
C ALA B 232 6.43 -7.49 -19.69
N ASP B 233 7.67 -7.88 -20.01
CA ASP B 233 7.96 -9.10 -20.76
C ASP B 233 7.73 -10.34 -19.88
N TYR B 234 7.99 -10.22 -18.57
CA TYR B 234 7.80 -11.28 -17.59
C TYR B 234 7.10 -10.69 -16.38
N ILE B 235 6.15 -11.46 -15.81
CA ILE B 235 5.47 -11.09 -14.58
C ILE B 235 5.59 -12.30 -13.65
N PHE B 236 6.20 -12.10 -12.47
CA PHE B 236 6.32 -13.14 -11.44
C PHE B 236 5.26 -12.91 -10.36
N GLY B 237 4.81 -13.98 -9.74
CA GLY B 237 3.83 -13.89 -8.67
C GLY B 237 3.66 -15.20 -7.94
N ASN B 238 2.99 -15.17 -6.79
CA ASN B 238 2.67 -16.38 -6.05
C ASN B 238 1.15 -16.59 -6.16
N GLU B 239 0.67 -17.77 -5.77
CA GLU B 239 -0.76 -18.07 -5.89
C GLU B 239 -1.70 -17.05 -5.22
N THR B 240 -1.37 -16.57 -4.02
CA THR B 240 -2.23 -15.59 -3.33
C THR B 240 -2.25 -14.25 -4.10
N GLU B 241 -1.09 -13.80 -4.58
CA GLU B 241 -1.01 -12.55 -5.33
C GLU B 241 -1.78 -12.66 -6.64
N ALA B 242 -1.59 -13.76 -7.39
CA ALA B 242 -2.29 -14.01 -8.65
C ALA B 242 -3.80 -14.03 -8.46
N LYS B 243 -4.29 -14.64 -7.37
CA LYS B 243 -5.73 -14.70 -7.11
C LYS B 243 -6.29 -13.34 -6.70
N ILE B 244 -5.50 -12.51 -5.98
CA ILE B 244 -5.94 -11.15 -5.62
C ILE B 244 -6.03 -10.35 -6.92
N PHE B 245 -4.94 -10.38 -7.74
CA PHE B 245 -4.87 -9.66 -9.02
C PHE B 245 -6.08 -9.99 -9.92
N ALA B 246 -6.42 -11.28 -10.03
CA ALA B 246 -7.54 -11.74 -10.84
C ALA B 246 -8.87 -11.19 -10.29
N LYS B 247 -9.09 -11.30 -8.98
CA LYS B 247 -10.32 -10.83 -8.35
C LYS B 247 -10.50 -9.31 -8.45
N VAL B 248 -9.40 -8.55 -8.25
CA VAL B 248 -9.42 -7.07 -8.32
C VAL B 248 -9.92 -6.61 -9.70
N ARG B 249 -9.41 -7.22 -10.78
CA ARG B 249 -9.79 -6.81 -12.14
C ARG B 249 -11.01 -7.53 -12.72
N GLY B 250 -11.78 -8.22 -11.89
CA GLY B 250 -13.03 -8.87 -12.30
C GLY B 250 -12.98 -10.23 -12.96
N TRP B 251 -11.82 -10.90 -12.97
CA TRP B 251 -11.73 -12.24 -13.54
C TRP B 251 -12.38 -13.24 -12.58
N GLU B 252 -13.42 -13.96 -13.00
CA GLU B 252 -14.14 -14.86 -12.11
C GLU B 252 -13.41 -16.19 -11.82
N THR B 253 -12.40 -16.55 -12.63
CA THR B 253 -11.66 -17.78 -12.38
C THR B 253 -10.79 -17.70 -11.13
N GLU B 254 -10.72 -18.82 -10.41
CA GLU B 254 -9.83 -19.00 -9.25
C GLU B 254 -8.74 -20.07 -9.54
N ASN B 255 -8.73 -20.67 -10.76
CA ASN B 255 -7.72 -21.64 -11.20
C ASN B 255 -6.44 -20.88 -11.52
N ILE B 256 -5.33 -21.19 -10.82
CA ILE B 256 -4.05 -20.49 -11.00
C ILE B 256 -3.48 -20.68 -12.42
N GLU B 257 -3.70 -21.85 -13.04
CA GLU B 257 -3.22 -22.09 -14.40
C GLU B 257 -3.89 -21.15 -15.41
N GLU B 258 -5.21 -20.94 -15.27
CA GLU B 258 -5.94 -20.03 -16.15
C GLU B 258 -5.59 -18.58 -15.83
N ILE B 259 -5.38 -18.23 -14.54
CA ILE B 259 -4.99 -16.87 -14.15
C ILE B 259 -3.63 -16.54 -14.77
N ALA B 260 -2.68 -17.47 -14.72
CA ALA B 260 -1.35 -17.25 -15.33
C ALA B 260 -1.46 -16.99 -16.82
N LEU B 261 -2.33 -17.74 -17.52
CA LEU B 261 -2.55 -17.54 -18.95
C LEU B 261 -3.14 -16.16 -19.22
N LYS B 262 -4.15 -15.75 -18.44
CA LYS B 262 -4.77 -14.43 -18.61
C LYS B 262 -3.78 -13.29 -18.32
N ILE B 263 -2.83 -13.48 -17.38
CA ILE B 263 -1.81 -12.46 -17.12
C ILE B 263 -0.92 -12.34 -18.35
N SER B 264 -0.42 -13.49 -18.87
CA SER B 264 0.45 -13.49 -20.06
C SER B 264 -0.21 -12.81 -21.28
N GLN B 265 -1.55 -12.80 -21.34
CA GLN B 265 -2.29 -12.23 -22.45
C GLN B 265 -2.89 -10.86 -22.18
N LEU B 266 -2.39 -10.14 -21.16
CA LEU B 266 -2.83 -8.77 -20.92
C LEU B 266 -2.37 -7.89 -22.13
N PRO B 267 -2.92 -6.68 -22.39
CA PRO B 267 -2.46 -5.93 -23.59
C PRO B 267 -0.96 -5.66 -23.60
N LEU B 268 -0.36 -5.72 -24.79
CA LEU B 268 1.09 -5.57 -24.99
C LEU B 268 1.39 -4.21 -25.63
N ALA B 269 2.45 -3.54 -25.16
CA ALA B 269 2.88 -2.24 -25.72
C ALA B 269 3.62 -2.43 -27.04
N SER B 270 3.73 -1.35 -27.85
CA SER B 270 4.45 -1.38 -29.13
C SER B 270 5.91 -1.76 -28.88
N GLY B 271 6.44 -2.67 -29.68
CA GLY B 271 7.81 -3.17 -29.52
C GLY B 271 7.94 -4.34 -28.54
N LYS B 272 6.80 -5.02 -28.22
CA LYS B 272 6.75 -6.20 -27.36
C LYS B 272 5.95 -7.24 -28.11
N GLN B 273 6.50 -8.44 -28.30
CA GLN B 273 5.84 -9.50 -29.05
C GLN B 273 5.09 -10.50 -28.16
N LYS B 274 5.60 -10.78 -26.94
CA LYS B 274 4.97 -11.76 -26.06
C LYS B 274 5.31 -11.55 -24.58
N ARG B 275 4.52 -12.14 -23.68
CA ARG B 275 4.70 -12.07 -22.25
C ARG B 275 4.67 -13.47 -21.65
N ILE B 276 5.53 -13.70 -20.64
CA ILE B 276 5.59 -14.96 -19.90
C ILE B 276 5.19 -14.64 -18.47
N ALA B 277 4.23 -15.39 -17.91
CA ALA B 277 3.79 -15.22 -16.53
C ALA B 277 4.26 -16.46 -15.75
N VAL B 278 4.95 -16.24 -14.62
CA VAL B 278 5.49 -17.30 -13.76
C VAL B 278 4.83 -17.17 -12.40
N ILE B 279 4.01 -18.18 -12.00
CA ILE B 279 3.30 -18.17 -10.73
C ILE B 279 3.71 -19.37 -9.86
N THR B 280 4.27 -19.12 -8.68
CA THR B 280 4.66 -20.19 -7.76
C THR B 280 3.45 -20.56 -6.89
N GLN B 281 3.44 -21.81 -6.35
CA GLN B 281 2.36 -22.32 -5.52
C GLN B 281 2.90 -23.08 -4.29
N GLY B 282 3.96 -22.57 -3.69
CA GLY B 282 4.59 -23.19 -2.53
C GLY B 282 5.11 -24.59 -2.85
N ALA B 283 4.48 -25.61 -2.26
CA ALA B 283 4.85 -27.01 -2.51
C ALA B 283 4.36 -27.48 -3.89
N ASP B 284 3.18 -26.98 -4.30
CA ASP B 284 2.59 -27.31 -5.60
C ASP B 284 3.45 -26.76 -6.78
N PRO B 285 3.30 -27.27 -8.03
CA PRO B 285 4.21 -26.85 -9.11
C PRO B 285 4.25 -25.38 -9.52
N VAL B 286 5.37 -25.01 -10.18
CA VAL B 286 5.56 -23.67 -10.72
C VAL B 286 4.75 -23.63 -12.03
N VAL B 287 3.89 -22.62 -12.18
CA VAL B 287 3.04 -22.47 -13.36
C VAL B 287 3.64 -21.43 -14.30
N VAL B 288 3.86 -21.78 -15.57
CA VAL B 288 4.43 -20.87 -16.55
C VAL B 288 3.54 -20.80 -17.81
N ALA B 289 3.06 -19.59 -18.14
CA ALA B 289 2.23 -19.35 -19.31
C ALA B 289 3.08 -18.67 -20.38
N GLU B 290 3.07 -19.21 -21.59
CA GLU B 290 3.84 -18.70 -22.72
C GLU B 290 3.21 -19.16 -24.03
N ASP B 291 3.12 -18.26 -25.04
CA ASP B 291 2.57 -18.56 -26.37
C ASP B 291 1.17 -19.18 -26.30
N GLY B 292 0.33 -18.65 -25.43
CA GLY B 292 -1.04 -19.13 -25.27
C GLY B 292 -1.20 -20.50 -24.63
N LYS B 293 -0.12 -21.08 -24.09
CA LYS B 293 -0.15 -22.40 -23.45
C LYS B 293 0.43 -22.32 -22.04
N VAL B 294 -0.01 -23.22 -21.15
CA VAL B 294 0.45 -23.30 -19.78
C VAL B 294 1.20 -24.60 -19.55
N LYS B 295 2.46 -24.51 -19.12
CA LYS B 295 3.33 -25.64 -18.75
C LYS B 295 3.50 -25.56 -17.23
N THR B 296 3.55 -26.70 -16.56
CA THR B 296 3.62 -26.75 -15.10
C THR B 296 4.83 -27.62 -14.68
N PHE B 297 5.60 -27.15 -13.69
CA PHE B 297 6.86 -27.77 -13.25
C PHE B 297 6.90 -28.21 -11.78
N PRO B 298 6.90 -29.53 -11.48
CA PRO B 298 7.02 -29.96 -10.08
C PRO B 298 8.28 -29.45 -9.37
N VAL B 299 8.15 -29.05 -8.11
CA VAL B 299 9.25 -28.56 -7.29
C VAL B 299 10.20 -29.72 -6.96
N ILE B 300 11.50 -29.58 -7.23
CA ILE B 300 12.49 -30.61 -6.90
C ILE B 300 13.23 -30.13 -5.66
N LEU B 301 13.29 -30.97 -4.61
CA LEU B 301 13.93 -30.60 -3.35
C LEU B 301 15.38 -31.05 -3.26
N LEU B 302 16.17 -30.36 -2.41
CA LEU B 302 17.56 -30.72 -2.14
C LEU B 302 17.61 -31.83 -1.04
N PRO B 303 18.73 -32.57 -0.84
CA PRO B 303 18.73 -33.59 0.23
C PRO B 303 18.26 -33.09 1.60
N GLY B 312 11.21 -16.16 3.35
CA GLY B 312 11.22 -15.31 2.15
C GLY B 312 11.89 -15.98 0.96
N ALA B 313 11.38 -17.16 0.56
CA ALA B 313 11.94 -17.97 -0.51
C ALA B 313 11.63 -17.44 -1.93
N GLY B 314 10.55 -16.67 -2.05
CA GLY B 314 10.11 -16.09 -3.33
C GLY B 314 11.15 -15.24 -4.02
N ASP B 315 11.85 -14.35 -3.26
CA ASP B 315 12.91 -13.47 -3.79
C ASP B 315 14.05 -14.31 -4.36
N ALA B 316 14.46 -15.38 -3.63
CA ALA B 316 15.51 -16.29 -4.06
C ALA B 316 15.10 -17.04 -5.34
N PHE B 317 13.82 -17.48 -5.44
CA PHE B 317 13.32 -18.13 -6.66
C PHE B 317 13.50 -17.20 -7.87
N VAL B 318 13.10 -15.94 -7.72
CA VAL B 318 13.24 -14.96 -8.80
C VAL B 318 14.72 -14.76 -9.17
N GLY B 319 15.60 -14.68 -8.17
CA GLY B 319 17.04 -14.54 -8.41
C GLY B 319 17.66 -15.68 -9.20
N GLY B 320 17.27 -16.92 -8.87
CA GLY B 320 17.74 -18.09 -9.60
C GLY B 320 17.21 -18.10 -11.03
N PHE B 321 15.94 -17.76 -11.20
CA PHE B 321 15.30 -17.67 -12.52
C PHE B 321 16.03 -16.61 -13.37
N LEU B 322 16.27 -15.41 -12.80
CA LEU B 322 16.96 -14.31 -13.49
C LEU B 322 18.38 -14.70 -13.94
N SER B 323 19.10 -15.48 -13.11
CA SER B 323 20.47 -15.89 -13.46
C SER B 323 20.51 -16.68 -14.78
N GLN B 324 19.61 -17.65 -14.93
CA GLN B 324 19.54 -18.48 -16.13
C GLN B 324 18.96 -17.72 -17.32
N LEU B 325 18.07 -16.78 -17.06
CA LEU B 325 17.50 -15.94 -18.11
C LEU B 325 18.61 -15.08 -18.74
N VAL B 326 19.51 -14.53 -17.90
CA VAL B 326 20.68 -13.76 -18.32
C VAL B 326 21.60 -14.62 -19.21
N LEU B 327 21.74 -15.91 -18.90
CA LEU B 327 22.57 -16.83 -19.67
C LEU B 327 21.88 -17.40 -20.94
N GLY B 328 20.70 -16.89 -21.30
CA GLY B 328 19.96 -17.32 -22.48
C GLY B 328 19.43 -18.74 -22.43
N LYS B 329 19.19 -19.27 -21.21
CA LYS B 329 18.73 -20.64 -21.01
C LYS B 329 17.20 -20.74 -21.11
N GLY B 330 16.70 -21.96 -21.32
CA GLY B 330 15.27 -22.21 -21.43
C GLY B 330 14.53 -22.06 -20.12
N ILE B 331 13.20 -22.05 -20.20
CA ILE B 331 12.29 -21.87 -19.06
C ILE B 331 12.43 -22.96 -18.00
N GLU B 332 12.64 -24.22 -18.42
CA GLU B 332 12.82 -25.30 -17.47
C GLU B 332 14.08 -25.09 -16.63
N ASP B 333 15.20 -24.65 -17.24
CA ASP B 333 16.42 -24.37 -16.48
C ASP B 333 16.18 -23.21 -15.51
N CYS B 334 15.47 -22.16 -15.98
CA CYS B 334 15.11 -21.00 -15.17
C CYS B 334 14.30 -21.42 -13.93
N VAL B 335 13.30 -22.28 -14.12
CA VAL B 335 12.48 -22.76 -13.01
C VAL B 335 13.33 -23.61 -12.05
N ARG B 336 14.15 -24.53 -12.59
CA ARG B 336 14.96 -25.40 -11.74
C ARG B 336 15.99 -24.60 -10.92
N ALA B 337 16.59 -23.57 -11.53
CA ALA B 337 17.54 -22.71 -10.81
C ALA B 337 16.85 -21.91 -9.73
N GLY B 338 15.63 -21.44 -10.01
CA GLY B 338 14.80 -20.74 -9.04
C GLY B 338 14.48 -21.61 -7.85
N CYS B 339 14.09 -22.88 -8.10
CA CYS B 339 13.80 -23.81 -7.02
C CYS B 339 15.06 -24.15 -6.24
N TYR B 340 16.21 -24.30 -6.93
CA TYR B 340 17.50 -24.56 -6.28
C TYR B 340 17.84 -23.41 -5.31
N ALA B 341 17.79 -22.16 -5.78
CA ALA B 341 18.12 -21.01 -4.95
C ALA B 341 17.17 -20.87 -3.78
N ALA B 342 15.86 -21.06 -4.03
CA ALA B 342 14.86 -20.99 -2.97
C ALA B 342 15.11 -22.07 -1.91
N ASN B 343 15.44 -23.30 -2.32
CA ASN B 343 15.71 -24.39 -1.39
C ASN B 343 16.99 -24.16 -0.58
N VAL B 344 17.99 -23.44 -1.12
CA VAL B 344 19.21 -23.13 -0.39
C VAL B 344 18.90 -22.06 0.69
N ILE B 345 18.28 -20.95 0.28
CA ILE B 345 17.97 -19.80 1.15
C ILE B 345 17.05 -20.19 2.34
N ILE B 346 16.06 -21.09 2.15
CA ILE B 346 15.19 -21.50 3.26
C ILE B 346 15.97 -22.24 4.37
N GLN B 347 17.07 -22.93 4.02
CA GLN B 347 17.89 -23.64 5.00
C GLN B 347 18.94 -22.74 5.68
N ARG B 348 18.81 -21.39 5.57
CA ARG B 348 19.78 -20.45 6.13
C ARG B 348 19.08 -19.24 6.78
N PRO B 349 19.65 -18.60 7.83
CA PRO B 349 18.98 -17.44 8.44
C PRO B 349 18.97 -16.20 7.55
N GLY B 350 17.78 -15.79 7.13
CA GLY B 350 17.62 -14.68 6.20
C GLY B 350 17.91 -15.11 4.77
N CYS B 351 18.03 -14.13 3.85
CA CYS B 351 18.32 -14.43 2.46
C CYS B 351 19.85 -14.46 2.25
N THR B 352 20.49 -15.48 2.84
CA THR B 352 21.93 -15.72 2.79
C THR B 352 22.24 -17.03 2.02
N TYR B 353 23.51 -17.25 1.65
CA TYR B 353 23.90 -18.42 0.84
C TYR B 353 25.39 -18.81 1.02
N PRO B 354 25.84 -20.04 0.63
CA PRO B 354 27.29 -20.35 0.73
C PRO B 354 28.13 -19.58 -0.30
N GLU B 355 29.47 -19.70 -0.24
CA GLU B 355 30.37 -18.98 -1.15
C GLU B 355 30.02 -19.17 -2.63
N LYS B 356 29.90 -20.43 -3.09
CA LYS B 356 29.65 -20.71 -4.50
C LYS B 356 28.43 -21.64 -4.69
N PRO B 357 27.68 -21.50 -5.81
CA PRO B 357 26.56 -22.42 -6.05
C PRO B 357 26.99 -23.76 -6.63
N ASP B 358 26.10 -24.74 -6.57
CA ASP B 358 26.33 -26.07 -7.11
C ASP B 358 25.06 -26.47 -7.87
N PHE B 359 24.75 -25.72 -8.93
CA PHE B 359 23.57 -25.97 -9.76
C PHE B 359 23.98 -26.30 -11.20
N ASN B 360 23.31 -27.30 -11.80
CA ASN B 360 23.54 -27.71 -13.19
C ASN B 360 22.20 -28.03 -13.85
S SO4 C . -7.25 23.46 19.55
O1 SO4 C . -8.27 24.48 19.28
O2 SO4 C . -7.85 22.32 20.22
O3 SO4 C . -6.64 23.05 18.26
O4 SO4 C . -6.18 24.04 20.39
C ACT D . -32.52 0.47 15.67
O ACT D . -31.33 0.03 15.68
OXT ACT D . -33.23 0.89 16.63
CH3 ACT D . -33.19 0.53 14.31
H1 ACT D . -33.83 -0.35 14.17
H2 ACT D . -32.44 0.55 13.51
H3 ACT D . -33.80 1.43 14.22
C ACT E . -24.34 4.36 -1.10
O ACT E . -25.08 5.23 -0.56
OXT ACT E . -24.64 3.27 -1.69
CH3 ACT E . -22.85 4.68 -1.05
H1 ACT E . -22.28 3.75 -1.16
H2 ACT E . -22.58 5.15 -0.11
H3 ACT E . -22.58 5.35 -1.87
C ACT F . -9.25 -5.54 2.49
O ACT F . -9.80 -5.27 1.38
OXT ACT F . -9.24 -4.87 3.56
CH3 ACT F . -8.51 -6.86 2.54
H1 ACT F . -8.73 -7.37 3.48
H2 ACT F . -7.43 -6.69 2.48
H3 ACT F . -8.80 -7.50 1.71
C ACT G . -12.93 29.92 -15.94
O ACT G . -11.82 30.32 -15.46
OXT ACT G . -14.12 30.17 -15.57
CH3 ACT G . -12.82 29.01 -17.15
H1 ACT G . -12.46 28.03 -16.82
H2 ACT G . -12.14 29.41 -17.88
H3 ACT G . -13.80 28.88 -17.62
C ACT H . 17.16 10.45 -19.47
O ACT H . 18.26 10.72 -18.88
OXT ACT H . 15.98 10.81 -19.19
CH3 ACT H . 17.30 9.58 -20.70
H1 ACT H . 16.30 9.43 -21.15
H2 ACT H . 17.71 8.61 -20.44
H3 ACT H . 17.94 10.04 -21.45
C ACT I . 8.60 -21.89 -4.55
O ACT I . 8.77 -20.72 -4.07
OXT ACT I . 7.53 -22.58 -4.65
CH3 ACT I . 9.86 -22.57 -5.08
H1 ACT I . 9.69 -23.64 -5.17
H2 ACT I . 10.70 -22.40 -4.40
H3 ACT I . 10.12 -22.18 -6.06
C ACT J . 13.67 -8.44 3.81
O ACT J . 14.57 -8.62 2.94
OXT ACT J . 12.89 -7.45 3.97
CH3 ACT J . 13.54 -9.55 4.82
H1 ACT J . 12.68 -10.17 4.56
H2 ACT J . 13.38 -9.14 5.83
H3 ACT J . 14.43 -10.17 4.83
C1 GOL K . 12.08 -22.86 -23.43
O1 GOL K . 11.62 -22.29 -24.65
C2 GOL K . 12.36 -24.34 -23.56
O2 GOL K . 13.55 -24.54 -24.32
C3 GOL K . 12.50 -25.03 -22.22
O3 GOL K . 11.27 -25.05 -21.50
H11 GOL K . 11.31 -22.67 -22.66
H12 GOL K . 12.99 -22.33 -23.18
HO1 GOL K . 11.51 -21.34 -24.50
H2 GOL K . 11.56 -24.84 -24.13
HO2 GOL K . 13.66 -25.50 -24.50
H31 GOL K . 13.22 -24.52 -21.58
H32 GOL K . 12.83 -26.07 -22.34
HO3 GOL K . 11.43 -25.45 -20.64
#